data_4MVW
#
_entry.id   4MVW
#
_cell.length_a   88.066
_cell.length_b   105.858
_cell.length_c   206.974
_cell.angle_alpha   90.000
_cell.angle_beta   90.000
_cell.angle_gamma   90.000
#
_symmetry.space_group_name_H-M   'P 21 21 21'
#
loop_
_entity.id
_entity.type
_entity.pdbx_description
1 polymer 'Methionyl-tRNA synthetase'
2 non-polymer GLYCEROL
3 non-polymer 'DIMETHYL SULFOXIDE'
4 non-polymer METHIONINE
5 non-polymer 'SULFATE ION'
6 non-polymer 1-{3-[(3,5-dichlorobenzyl)amino]propyl}-3-thiophen-3-ylurea
7 water water
#
_entity_poly.entity_id   1
_entity_poly.type   'polypeptide(L)'
_entity_poly.pdbx_seq_one_letter_code
;GPGSMKVEKVFFVTSPIYYVNAAPHIGHVYSTLITDVIGRYHRVKGERVFALTGTDEHGQKVAEAAKQKQVSPYDFTTAV
AGEFKK(CAS)FEQMDYSIDYFIRTTNEQHKAVVKELWTKLEQKGDIYLGRYEGWYSISDESFLTPQNITDGVDKDGNPC
KVSLESGHVVTWVSEENYMFRLSAFRERLLEWYHANPGCIVPEFRRREVIRAVEKGLPDLSVSRARATLHNWAIPVPGNP
DH(CAS)VYVWLDALTNYLTGSRLRVDESGKEVSLVDDFNELERFPADVHVIGKDILKFHAIYWPAFLLSAGLPLPKKIV
AHGWWTKDRKKISKSLGNVFDPVEKAEEFGYDALKYFLLRESGFSDDGDYSDKNMIARLNGELADTLGNLVMRCTSAKIN
VNGEWPSPAAYTEEDESLIQLIKDLPGTADHYYLIPDIQKAIIAVFDVLRAINAYVTDMAPWKLVKTDPERLRTVLYITL
EGVRVTTLLLSPILPRKSVVIFDMLGVPEVHRKGIENFEFGAVPPGTRLGPAVEGEVLFSKRSTENTKST
;
_entity_poly.pdbx_strand_id   A,B
#
# COMPACT_ATOMS: atom_id res chain seq x y z
N LYS A 6 -23.78 13.87 14.30
CA LYS A 6 -23.88 15.09 13.42
C LYS A 6 -24.15 16.36 14.25
N VAL A 7 -23.26 16.61 15.22
CA VAL A 7 -23.33 17.83 16.04
C VAL A 7 -21.93 18.46 16.11
N GLU A 8 -21.84 19.74 15.73
CA GLU A 8 -20.58 20.47 15.84
C GLU A 8 -20.36 20.77 17.31
N LYS A 9 -19.17 20.43 17.77
CA LYS A 9 -18.89 20.31 19.18
C LYS A 9 -17.39 20.48 19.33
N VAL A 10 -16.91 20.79 20.52
CA VAL A 10 -15.47 20.79 20.75
C VAL A 10 -15.03 19.33 20.84
N PHE A 11 -14.04 18.96 20.04
CA PHE A 11 -13.48 17.64 20.10
C PHE A 11 -12.71 17.55 21.40
N PHE A 12 -13.14 16.66 22.27
CA PHE A 12 -12.61 16.54 23.61
C PHE A 12 -11.87 15.23 23.75
N VAL A 13 -10.55 15.31 23.92
CA VAL A 13 -9.69 14.14 24.05
C VAL A 13 -8.86 14.26 25.32
N THR A 14 -8.76 13.16 26.07
CA THR A 14 -8.11 13.15 27.37
C THR A 14 -7.01 12.12 27.44
N SER A 15 -6.09 12.33 28.38
CA SER A 15 -5.21 11.29 28.86
C SER A 15 -5.74 10.85 30.22
N PRO A 16 -5.16 9.79 30.81
CA PRO A 16 -5.47 9.51 32.20
C PRO A 16 -4.78 10.54 33.06
N ILE A 17 -5.28 10.77 34.28
CA ILE A 17 -4.55 11.58 35.27
C ILE A 17 -3.74 10.65 36.15
N TYR A 18 -2.48 10.99 36.37
CA TYR A 18 -1.49 10.04 36.87
C TYR A 18 -1.28 10.16 38.37
N TYR A 19 -1.08 9.04 39.05
CA TYR A 19 -0.73 9.07 40.47
C TYR A 19 0.60 9.78 40.61
N VAL A 20 0.70 10.60 41.65
CA VAL A 20 1.90 11.40 41.91
C VAL A 20 2.74 10.81 43.05
N ASN A 21 2.67 9.50 43.20
CA ASN A 21 3.45 8.79 44.21
C ASN A 21 4.94 8.74 43.88
N ALA A 22 5.27 8.97 42.61
CA ALA A 22 6.66 9.02 42.18
C ALA A 22 6.80 9.86 40.92
N ALA A 23 8.05 10.18 40.59
CA ALA A 23 8.36 11.04 39.45
C ALA A 23 7.69 10.56 38.18
N PRO A 24 7.48 11.47 37.21
CA PRO A 24 7.01 11.07 35.90
C PRO A 24 8.08 10.30 35.12
N HIS A 25 7.64 9.35 34.31
CA HIS A 25 8.52 8.56 33.47
C HIS A 25 7.87 8.42 32.09
N ILE A 26 8.53 7.69 31.20
CA ILE A 26 7.92 7.26 29.95
C ILE A 26 6.60 6.61 30.32
N GLY A 27 5.70 6.42 29.38
CA GLY A 27 4.44 5.77 29.74
C GLY A 27 3.44 6.78 30.20
N HIS A 28 3.78 7.57 31.21
CA HIS A 28 3.03 8.80 31.50
C HIS A 28 3.15 9.68 30.27
N VAL A 29 4.40 9.84 29.83
CA VAL A 29 4.72 10.59 28.63
C VAL A 29 4.09 9.97 27.39
N TYR A 30 4.08 8.65 27.31
CA TYR A 30 3.52 7.96 26.16
C TYR A 30 2.05 8.25 26.08
N SER A 31 1.34 7.99 27.18
CA SER A 31 -0.11 8.18 27.22
C SER A 31 -0.49 9.59 26.85
N THR A 32 0.23 10.55 27.39
CA THR A 32 -0.01 11.94 27.09
C THR A 32 0.35 12.27 25.63
N LEU A 33 1.38 11.61 25.09
CA LEU A 33 1.73 11.78 23.67
C LEU A 33 0.56 11.41 22.75
N ILE A 34 -0.05 10.25 22.98
CA ILE A 34 -1.17 9.78 22.19
C ILE A 34 -2.33 10.79 22.27
N THR A 35 -2.61 11.29 23.47
CA THR A 35 -3.62 12.31 23.64
C THR A 35 -3.27 13.54 22.83
N ASP A 36 -2.02 13.97 22.90
CA ASP A 36 -1.57 15.17 22.21
C ASP A 36 -1.66 15.08 20.68
N VAL A 37 -1.24 13.94 20.16
CA VAL A 37 -1.28 13.65 18.72
C VAL A 37 -2.71 13.70 18.21
N ILE A 38 -3.60 12.96 18.86
CA ILE A 38 -4.99 12.92 18.44
C ILE A 38 -5.54 14.35 18.42
N GLY A 39 -5.27 15.12 19.48
CA GLY A 39 -5.75 16.49 19.55
C GLY A 39 -5.20 17.31 18.41
N ARG A 40 -3.91 17.15 18.14
CA ARG A 40 -3.26 17.89 17.07
C ARG A 40 -3.89 17.57 15.73
N TYR A 41 -4.17 16.30 15.45
CA TYR A 41 -4.75 15.94 14.16
C TYR A 41 -6.08 16.65 13.91
N HIS A 42 -6.89 16.78 14.94
CA HIS A 42 -8.17 17.44 14.78
C HIS A 42 -8.00 18.95 14.62
N ARG A 43 -6.96 19.51 15.21
CA ARG A 43 -6.64 20.91 14.96
C ARG A 43 -6.22 21.15 13.52
N VAL A 44 -5.47 20.24 12.89
CA VAL A 44 -5.07 20.47 11.50
C VAL A 44 -6.26 20.26 10.55
N LYS A 45 -7.33 19.62 11.02
CA LYS A 45 -8.58 19.54 10.26
C LYS A 45 -9.40 20.81 10.43
N GLY A 46 -8.99 21.68 11.35
CA GLY A 46 -9.68 22.93 11.62
C GLY A 46 -10.82 22.81 12.62
N GLU A 47 -10.83 21.74 13.40
CA GLU A 47 -11.85 21.54 14.43
C GLU A 47 -11.42 22.20 15.72
N ARG A 48 -12.38 22.57 16.56
CA ARG A 48 -12.06 23.07 17.89
C ARG A 48 -11.62 21.86 18.72
N VAL A 49 -10.66 22.07 19.60
CA VAL A 49 -10.15 20.97 20.42
C VAL A 49 -9.96 21.36 21.88
N PHE A 50 -10.17 20.41 22.76
CA PHE A 50 -9.76 20.54 24.13
C PHE A 50 -9.06 19.26 24.52
N ALA A 51 -7.74 19.33 24.69
CA ALA A 51 -6.95 18.20 25.15
C ALA A 51 -6.74 18.36 26.64
N LEU A 52 -6.96 17.28 27.38
CA LEU A 52 -6.85 17.31 28.83
C LEU A 52 -5.85 16.26 29.31
N THR A 53 -5.04 16.66 30.29
CA THR A 53 -4.18 15.74 31.04
C THR A 53 -4.14 16.23 32.49
N GLY A 54 -3.46 15.50 33.37
CA GLY A 54 -3.37 15.93 34.76
C GLY A 54 -2.86 14.89 35.74
N THR A 55 -3.12 15.13 37.03
CA THR A 55 -2.62 14.28 38.10
C THR A 55 -3.72 13.83 39.06
N ASP A 56 -3.59 12.60 39.55
CA ASP A 56 -4.52 11.97 40.50
C ASP A 56 -3.87 12.05 41.87
N GLU A 57 -4.23 13.07 42.65
CA GLU A 57 -3.43 13.44 43.82
C GLU A 57 -3.91 12.90 45.16
N HIS A 58 -5.16 12.44 45.22
CA HIS A 58 -5.69 11.83 46.44
C HIS A 58 -5.38 10.34 46.52
N GLY A 59 -5.73 9.74 47.66
CA GLY A 59 -5.67 8.31 47.80
C GLY A 59 -4.73 7.83 48.88
N GLN A 60 -4.89 6.56 49.22
CA GLN A 60 -4.06 5.91 50.23
C GLN A 60 -2.66 5.71 49.69
N LYS A 61 -2.58 5.32 48.42
CA LYS A 61 -1.32 5.17 47.70
C LYS A 61 -0.47 6.42 47.84
N VAL A 62 -1.03 7.55 47.40
CA VAL A 62 -0.30 8.81 47.35
C VAL A 62 0.02 9.34 48.74
N ALA A 63 -0.93 9.18 49.67
CA ALA A 63 -0.72 9.59 51.06
C ALA A 63 0.41 8.80 51.70
N GLU A 64 0.47 7.51 51.44
CA GLU A 64 1.50 6.65 52.02
C GLU A 64 2.86 6.83 51.34
N ALA A 65 2.85 7.26 50.09
CA ALA A 65 4.08 7.62 49.38
C ALA A 65 4.69 8.90 49.98
N ALA A 66 3.83 9.84 50.35
CA ALA A 66 4.27 11.09 50.97
C ALA A 66 4.80 10.85 52.37
N LYS A 67 4.25 9.84 53.05
CA LYS A 67 4.73 9.48 54.38
C LYS A 67 6.16 8.92 54.32
N GLN A 68 6.43 8.04 53.36
CA GLN A 68 7.75 7.44 53.19
C GLN A 68 8.84 8.46 52.89
N LYS A 69 8.48 9.55 52.22
CA LYS A 69 9.41 10.67 52.02
C LYS A 69 9.37 11.66 53.19
N GLN A 70 8.62 11.31 54.25
CA GLN A 70 8.50 12.14 55.45
C GLN A 70 8.22 13.61 55.15
N VAL A 71 7.02 13.87 54.61
CA VAL A 71 6.59 15.24 54.31
C VAL A 71 5.06 15.29 54.12
N SER A 72 4.49 16.48 54.25
CA SER A 72 3.05 16.69 54.13
C SER A 72 2.49 16.22 52.80
N PRO A 73 1.29 15.63 52.81
CA PRO A 73 0.59 15.33 51.55
C PRO A 73 0.42 16.54 50.64
N TYR A 74 0.08 17.70 51.21
CA TYR A 74 -0.14 18.93 50.43
C TYR A 74 1.14 19.34 49.71
N ASP A 75 2.26 19.30 50.42
CA ASP A 75 3.57 19.67 49.88
C ASP A 75 4.06 18.68 48.84
N PHE A 76 3.83 17.40 49.11
CA PHE A 76 4.28 16.31 48.23
C PHE A 76 3.53 16.31 46.89
N THR A 77 2.20 16.36 46.95
CA THR A 77 1.37 16.37 45.74
C THR A 77 1.66 17.58 44.87
N THR A 78 1.87 18.74 45.49
CA THR A 78 2.21 19.96 44.73
C THR A 78 3.55 19.78 43.99
N ALA A 79 4.54 19.21 44.68
CA ALA A 79 5.90 19.08 44.16
C ALA A 79 5.97 18.10 43.00
N VAL A 80 5.40 16.91 43.17
CA VAL A 80 5.45 15.91 42.11
C VAL A 80 4.65 16.40 40.92
N ALA A 81 3.55 17.08 41.17
CA ALA A 81 2.74 17.64 40.09
C ALA A 81 3.52 18.70 39.30
N GLY A 82 4.36 19.46 40.00
CA GLY A 82 5.25 20.40 39.33
C GLY A 82 6.21 19.69 38.41
N GLU A 83 6.66 18.50 38.82
CA GLU A 83 7.54 17.66 38.01
C GLU A 83 6.81 17.15 36.79
N PHE A 84 5.52 16.84 36.91
CA PHE A 84 4.74 16.41 35.76
C PHE A 84 4.59 17.52 34.74
N LYS A 85 4.39 18.75 35.21
CA LYS A 85 4.23 19.91 34.33
C LYS A 85 5.54 20.26 33.65
N LYS A 86 6.60 20.36 34.44
CA LYS A 86 7.95 20.56 33.92
C LYS A 86 8.25 19.58 32.80
N PHE A 88 6.02 17.66 30.97
CA PHE A 88 5.14 17.84 29.82
C PHE A 88 5.44 19.10 29.00
N GLU A 89 5.97 20.14 29.64
CA GLU A 89 6.40 21.33 28.91
C GLU A 89 7.65 21.01 28.10
N GLN A 90 8.64 20.38 28.74
CA GLN A 90 9.85 19.97 28.03
C GLN A 90 9.53 19.06 26.85
N MET A 91 8.50 18.24 26.98
CA MET A 91 8.09 17.32 25.92
C MET A 91 7.46 18.03 24.72
N ASP A 92 7.13 19.31 24.85
CA ASP A 92 6.66 20.12 23.72
C ASP A 92 5.31 19.62 23.21
N TYR A 93 4.45 19.21 24.13
CA TYR A 93 3.07 18.88 23.78
C TYR A 93 2.29 20.17 23.51
N SER A 94 1.03 20.01 23.12
CA SER A 94 0.11 21.12 22.96
C SER A 94 -1.21 20.75 23.65
N ILE A 95 -1.12 20.54 24.96
CA ILE A 95 -2.29 20.21 25.77
C ILE A 95 -2.92 21.53 26.24
N ASP A 96 -4.25 21.53 26.35
CA ASP A 96 -4.96 22.77 26.67
C ASP A 96 -5.10 23.02 28.15
N TYR A 97 -5.16 21.95 28.93
CA TYR A 97 -5.25 22.12 30.39
C TYR A 97 -4.65 20.95 31.17
N PHE A 98 -3.93 21.30 32.23
CA PHE A 98 -3.43 20.34 33.19
C PHE A 98 -4.32 20.44 34.43
N ILE A 99 -5.03 19.37 34.77
CA ILE A 99 -5.92 19.37 35.94
C ILE A 99 -5.29 18.65 37.12
N ARG A 100 -5.70 19.04 38.32
CA ARG A 100 -5.24 18.42 39.53
C ARG A 100 -6.46 18.11 40.39
N THR A 101 -6.52 16.91 40.94
CA THR A 101 -7.68 16.52 41.73
C THR A 101 -7.77 17.28 43.06
N THR A 102 -6.68 17.93 43.49
CA THR A 102 -6.73 18.80 44.66
C THR A 102 -7.37 20.15 44.37
N ASN A 103 -7.59 20.46 43.10
CA ASN A 103 -8.24 21.71 42.71
C ASN A 103 -9.59 21.82 43.40
N GLU A 104 -9.87 22.99 43.95
CA GLU A 104 -11.07 23.18 44.73
C GLU A 104 -12.33 23.07 43.87
N GLN A 105 -12.24 23.48 42.61
CA GLN A 105 -13.39 23.37 41.68
C GLN A 105 -13.70 21.93 41.29
N HIS A 106 -12.67 21.10 41.14
CA HIS A 106 -12.85 19.68 40.93
C HIS A 106 -13.62 19.06 42.09
N LYS A 107 -13.13 19.29 43.30
CA LYS A 107 -13.79 18.79 44.51
C LYS A 107 -15.28 19.07 44.46
N ALA A 108 -15.62 20.27 44.01
CA ALA A 108 -17.02 20.72 43.91
C ALA A 108 -17.81 19.86 42.94
N VAL A 109 -17.21 19.52 41.80
CA VAL A 109 -17.86 18.68 40.77
C VAL A 109 -18.05 17.26 41.30
N VAL A 110 -17.08 16.74 42.05
CA VAL A 110 -17.19 15.41 42.65
C VAL A 110 -18.38 15.33 43.58
N LYS A 111 -18.50 16.32 44.45
CA LYS A 111 -19.59 16.35 45.42
C LYS A 111 -20.93 16.45 44.70
N GLU A 112 -21.00 17.32 43.70
CA GLU A 112 -22.18 17.48 42.86
C GLU A 112 -22.54 16.16 42.21
N LEU A 113 -21.54 15.44 41.73
CA LEU A 113 -21.80 14.14 41.11
C LEU A 113 -22.26 13.13 42.13
N TRP A 114 -21.58 13.09 43.27
CA TRP A 114 -21.94 12.16 44.34
C TRP A 114 -23.40 12.28 44.73
N THR A 115 -23.84 13.51 44.96
CA THR A 115 -25.21 13.79 45.35
C THR A 115 -26.16 13.28 44.26
N LYS A 116 -25.79 13.52 43.00
CA LYS A 116 -26.60 13.08 41.86
C LYS A 116 -26.80 11.56 41.90
N LEU A 117 -25.71 10.82 42.11
CA LEU A 117 -25.77 9.37 42.27
C LEU A 117 -26.68 8.97 43.44
N GLU A 118 -26.57 9.67 44.57
CA GLU A 118 -27.37 9.35 45.76
C GLU A 118 -28.84 9.70 45.55
N GLN A 119 -29.13 10.84 44.94
CA GLN A 119 -30.52 11.24 44.69
C GLN A 119 -31.23 10.25 43.77
N LYS A 120 -30.48 9.62 42.86
CA LYS A 120 -31.05 8.59 41.99
C LYS A 120 -31.26 7.25 42.69
N GLY A 121 -30.77 7.13 43.92
CA GLY A 121 -30.92 5.91 44.70
C GLY A 121 -29.89 4.84 44.37
N ASP A 122 -28.80 5.22 43.72
CA ASP A 122 -27.78 4.27 43.30
C ASP A 122 -26.60 4.15 44.30
N ILE A 123 -26.73 4.79 45.46
CA ILE A 123 -25.73 4.66 46.55
C ILE A 123 -26.36 4.33 47.92
N TYR A 124 -25.96 3.21 48.51
CA TYR A 124 -26.47 2.79 49.82
C TYR A 124 -25.32 2.43 50.76
N LEU A 125 -25.62 2.39 52.06
CA LEU A 125 -24.62 2.05 53.05
C LEU A 125 -24.53 0.54 53.16
N GLY A 126 -23.35 0.00 52.84
CA GLY A 126 -23.07 -1.44 52.98
C GLY A 126 -21.69 -1.74 53.54
N ARG A 127 -21.21 -2.94 53.25
CA ARG A 127 -19.85 -3.37 53.61
C ARG A 127 -19.12 -3.84 52.37
N TYR A 128 -17.81 -3.63 52.34
CA TYR A 128 -16.93 -4.39 51.46
C TYR A 128 -16.05 -5.25 52.36
N GLU A 129 -16.14 -6.57 52.18
CA GLU A 129 -15.25 -7.53 52.84
C GLU A 129 -14.54 -8.35 51.76
N GLY A 130 -13.29 -7.98 51.49
CA GLY A 130 -12.56 -8.54 50.35
C GLY A 130 -11.17 -7.94 50.18
N TRP A 131 -10.51 -8.32 49.09
CA TRP A 131 -9.14 -7.90 48.81
C TRP A 131 -9.09 -6.53 48.13
N TYR A 132 -7.94 -5.87 48.28
CA TYR A 132 -7.71 -4.56 47.69
C TYR A 132 -6.23 -4.43 47.35
N SER A 133 -5.93 -3.95 46.15
CA SER A 133 -4.57 -3.54 45.79
C SER A 133 -4.45 -2.04 45.97
N ILE A 134 -3.68 -1.63 46.97
CA ILE A 134 -3.47 -0.22 47.25
C ILE A 134 -2.71 0.47 46.12
N SER A 135 -1.72 -0.23 45.57
CA SER A 135 -0.93 0.30 44.46
C SER A 135 -1.79 0.57 43.24
N ASP A 136 -2.85 -0.22 43.06
CA ASP A 136 -3.77 -0.05 41.93
C ASP A 136 -5.04 0.69 42.34
N GLU A 137 -5.20 0.93 43.65
CA GLU A 137 -6.46 1.44 44.22
C GLU A 137 -7.65 0.65 43.67
N SER A 138 -7.51 -0.67 43.62
CA SER A 138 -8.43 -1.54 42.89
C SER A 138 -8.96 -2.66 43.77
N PHE A 139 -10.28 -2.86 43.76
CA PHE A 139 -10.89 -4.01 44.44
C PHE A 139 -10.70 -5.25 43.58
N LEU A 140 -10.52 -6.40 44.22
CA LEU A 140 -10.33 -7.64 43.51
C LEU A 140 -11.07 -8.77 44.19
N THR A 141 -11.64 -9.66 43.38
CA THR A 141 -12.27 -10.88 43.85
C THR A 141 -11.18 -11.92 44.11
N PRO A 142 -11.49 -12.98 44.89
CA PRO A 142 -10.43 -13.94 45.23
C PRO A 142 -9.74 -14.59 44.01
N GLN A 143 -10.45 -14.69 42.89
CA GLN A 143 -9.89 -15.29 41.69
C GLN A 143 -8.81 -14.42 41.05
N ASN A 144 -8.74 -13.15 41.43
CA ASN A 144 -7.74 -12.22 40.87
C ASN A 144 -6.49 -11.98 41.73
N ILE A 145 -6.33 -12.78 42.78
CA ILE A 145 -5.11 -12.74 43.57
C ILE A 145 -4.44 -14.11 43.55
N THR A 146 -3.21 -14.15 44.05
CA THR A 146 -2.43 -15.38 44.07
C THR A 146 -1.29 -15.21 45.07
N ASP A 147 -0.55 -16.28 45.32
CA ASP A 147 0.54 -16.26 46.29
C ASP A 147 1.73 -15.46 45.76
N GLY A 148 2.48 -14.85 46.68
CA GLY A 148 3.62 -14.03 46.30
C GLY A 148 4.46 -13.63 47.48
N VAL A 149 5.29 -12.61 47.27
CA VAL A 149 6.27 -12.16 48.26
C VAL A 149 6.18 -10.65 48.46
N ASP A 150 6.09 -10.22 49.72
CA ASP A 150 6.09 -8.79 50.05
C ASP A 150 7.51 -8.24 50.09
N LYS A 151 7.62 -6.92 50.24
CA LYS A 151 8.90 -6.21 50.13
C LYS A 151 10.01 -6.72 51.07
N ASP A 152 9.61 -7.33 52.20
CA ASP A 152 10.56 -7.90 53.16
C ASP A 152 10.99 -9.34 52.84
N GLY A 153 10.41 -9.92 51.80
CA GLY A 153 10.69 -11.31 51.42
C GLY A 153 9.78 -12.35 52.10
N ASN A 154 8.75 -11.89 52.79
CA ASN A 154 7.83 -12.79 53.48
C ASN A 154 6.66 -13.18 52.58
N PRO A 155 5.95 -14.28 52.92
CA PRO A 155 4.88 -14.71 52.03
C PRO A 155 3.68 -13.78 52.14
N CYS A 156 2.97 -13.57 51.04
CA CYS A 156 1.82 -12.67 51.02
C CYS A 156 0.96 -12.95 49.79
N LYS A 157 -0.06 -12.11 49.59
CA LYS A 157 -0.92 -12.22 48.43
C LYS A 157 -0.67 -11.03 47.52
N VAL A 158 -0.88 -11.23 46.22
CA VAL A 158 -0.63 -10.22 45.20
C VAL A 158 -1.69 -10.24 44.08
N SER A 159 -1.95 -9.08 43.50
CA SER A 159 -2.83 -8.96 42.34
C SER A 159 -2.33 -9.79 41.17
N LEU A 160 -3.21 -10.56 40.54
CA LEU A 160 -2.89 -11.22 39.27
C LEU A 160 -2.83 -10.16 38.16
N GLU A 161 -3.64 -9.11 38.29
CA GLU A 161 -3.55 -7.96 37.39
C GLU A 161 -2.10 -7.47 37.32
N SER A 162 -1.53 -7.13 38.47
CA SER A 162 -0.33 -6.28 38.55
C SER A 162 0.82 -6.79 39.39
N GLY A 163 0.62 -7.85 40.16
CA GLY A 163 1.68 -8.39 41.02
C GLY A 163 1.98 -7.60 42.27
N HIS A 164 1.27 -6.50 42.49
CA HIS A 164 1.42 -5.68 43.69
C HIS A 164 0.77 -6.35 44.89
N VAL A 165 1.21 -5.96 46.08
CA VAL A 165 0.71 -6.55 47.31
C VAL A 165 -0.74 -6.18 47.54
N VAL A 166 -1.55 -7.16 47.94
CA VAL A 166 -2.95 -6.92 48.30
C VAL A 166 -3.18 -7.12 49.80
N THR A 167 -4.24 -6.49 50.30
CA THR A 167 -4.61 -6.60 51.70
C THR A 167 -6.13 -6.75 51.82
N TRP A 168 -6.54 -7.51 52.84
CA TRP A 168 -7.95 -7.74 53.09
C TRP A 168 -8.53 -6.51 53.74
N VAL A 169 -9.70 -6.09 53.27
CA VAL A 169 -10.40 -4.93 53.78
C VAL A 169 -11.78 -5.38 54.22
N SER A 170 -12.14 -5.06 55.47
CA SER A 170 -13.48 -5.26 55.97
C SER A 170 -13.93 -3.93 56.55
N GLU A 171 -14.73 -3.21 55.77
CA GLU A 171 -15.15 -1.84 56.11
C GLU A 171 -16.59 -1.61 55.72
N GLU A 172 -17.28 -0.85 56.56
CA GLU A 172 -18.58 -0.29 56.21
C GLU A 172 -18.35 0.86 55.23
N ASN A 173 -18.70 0.65 53.97
CA ASN A 173 -18.52 1.65 52.91
C ASN A 173 -19.86 2.04 52.28
N TYR A 174 -19.93 3.23 51.68
CA TYR A 174 -21.03 3.54 50.77
C TYR A 174 -20.82 2.77 49.47
N MET A 175 -21.84 2.04 49.06
CA MET A 175 -21.78 1.15 47.91
C MET A 175 -22.61 1.69 46.75
N PHE A 176 -22.09 1.56 45.53
CA PHE A 176 -22.75 1.98 44.30
C PHE A 176 -23.38 0.74 43.63
N ARG A 177 -24.57 0.90 43.08
CA ARG A 177 -25.32 -0.25 42.53
C ARG A 177 -24.90 -0.64 41.12
N LEU A 178 -23.64 -1.01 40.94
CA LEU A 178 -23.11 -1.35 39.63
C LEU A 178 -23.83 -2.54 39.02
N SER A 179 -24.27 -3.46 39.90
CA SER A 179 -25.00 -4.65 39.47
C SER A 179 -26.23 -4.29 38.65
N ALA A 180 -26.89 -3.20 39.02
CA ALA A 180 -28.08 -2.72 38.29
C ALA A 180 -27.80 -2.19 36.89
N PHE A 181 -26.53 -1.97 36.54
CA PHE A 181 -26.18 -1.33 35.26
C PHE A 181 -25.67 -2.29 34.19
N ARG A 182 -25.53 -3.55 34.57
CA ARG A 182 -25.04 -4.60 33.66
C ARG A 182 -25.77 -4.62 32.31
N GLU A 183 -27.10 -4.76 32.35
CA GLU A 183 -27.89 -4.86 31.12
C GLU A 183 -27.76 -3.62 30.22
N ARG A 184 -27.66 -2.44 30.82
CA ARG A 184 -27.56 -1.18 30.07
C ARG A 184 -26.18 -0.96 29.46
N LEU A 185 -25.12 -1.37 30.17
CA LEU A 185 -23.76 -1.39 29.63
C LEU A 185 -23.67 -2.34 28.44
N LEU A 186 -24.22 -3.55 28.61
CA LEU A 186 -24.24 -4.52 27.52
C LEU A 186 -24.90 -3.93 26.28
N GLU A 187 -26.06 -3.27 26.44
CA GLU A 187 -26.73 -2.60 25.34
C GLU A 187 -25.81 -1.56 24.72
N TRP A 188 -25.11 -0.81 25.57
CA TRP A 188 -24.21 0.24 25.10
C TRP A 188 -23.07 -0.32 24.25
N TYR A 189 -22.40 -1.37 24.74
CA TYR A 189 -21.27 -1.97 24.01
C TYR A 189 -21.71 -2.41 22.62
N HIS A 190 -22.89 -3.02 22.55
CA HIS A 190 -23.35 -3.61 21.29
C HIS A 190 -23.86 -2.58 20.29
N ALA A 191 -24.57 -1.57 20.76
CA ALA A 191 -25.05 -0.52 19.88
C ALA A 191 -23.90 0.33 19.33
N ASN A 192 -22.77 0.32 20.02
CA ASN A 192 -21.61 1.15 19.64
C ASN A 192 -20.33 0.31 19.58
N PRO A 193 -20.17 -0.50 18.49
CA PRO A 193 -19.10 -1.49 18.42
C PRO A 193 -17.70 -0.92 18.25
N GLY A 194 -17.58 0.38 18.05
CA GLY A 194 -16.29 1.04 18.05
C GLY A 194 -15.97 1.76 19.35
N CYS A 195 -16.86 1.69 20.33
CA CYS A 195 -16.69 2.52 21.53
C CYS A 195 -15.46 2.15 22.35
N ILE A 196 -14.95 0.93 22.17
CA ILE A 196 -13.72 0.49 22.85
C ILE A 196 -12.75 -0.07 21.82
N VAL A 197 -11.51 0.40 21.87
CA VAL A 197 -10.48 0.04 20.91
C VAL A 197 -9.20 -0.33 21.68
N PRO A 198 -8.47 -1.38 21.24
CA PRO A 198 -8.70 -2.25 20.11
C PRO A 198 -9.75 -3.32 20.37
N GLU A 199 -10.22 -3.92 19.28
CA GLU A 199 -11.32 -4.87 19.33
C GLU A 199 -11.21 -5.89 20.46
N PHE A 200 -10.04 -6.49 20.66
CA PHE A 200 -9.88 -7.59 21.62
C PHE A 200 -10.00 -7.14 23.10
N ARG A 201 -9.84 -5.84 23.34
CA ARG A 201 -10.10 -5.27 24.66
C ARG A 201 -11.60 -5.02 24.79
N ARG A 202 -12.24 -4.59 23.71
CA ARG A 202 -13.68 -4.47 23.71
C ARG A 202 -14.33 -5.82 24.03
N ARG A 203 -13.82 -6.89 23.43
CA ARG A 203 -14.33 -8.23 23.70
C ARG A 203 -14.06 -8.66 25.14
N GLU A 204 -12.93 -8.22 25.71
CA GLU A 204 -12.60 -8.51 27.11
C GLU A 204 -13.61 -7.86 28.06
N VAL A 205 -13.96 -6.61 27.78
CA VAL A 205 -14.91 -5.90 28.64
C VAL A 205 -16.27 -6.60 28.64
N ILE A 206 -16.73 -7.00 27.46
CA ILE A 206 -18.06 -7.62 27.33
C ILE A 206 -18.10 -8.93 28.09
N ARG A 207 -17.10 -9.79 27.89
CA ARG A 207 -17.04 -11.06 28.61
C ARG A 207 -17.14 -10.87 30.12
N ALA A 208 -16.40 -9.89 30.66
CA ALA A 208 -16.41 -9.62 32.08
C ALA A 208 -17.78 -9.17 32.57
N VAL A 209 -18.42 -8.30 31.81
CA VAL A 209 -19.72 -7.76 32.19
C VAL A 209 -20.81 -8.80 32.01
N GLU A 210 -20.67 -9.66 31.01
CA GLU A 210 -21.60 -10.78 30.80
C GLU A 210 -21.65 -11.65 32.04
N LYS A 211 -20.48 -11.99 32.58
CA LYS A 211 -20.37 -12.85 33.76
C LYS A 211 -21.16 -12.34 34.96
N GLY A 212 -21.21 -11.03 35.15
CA GLY A 212 -21.99 -10.44 36.23
C GLY A 212 -21.19 -9.39 36.97
N LEU A 213 -21.87 -8.36 37.47
CA LEU A 213 -21.20 -7.26 38.13
C LEU A 213 -21.67 -7.13 39.56
N PRO A 214 -20.72 -7.12 40.51
CA PRO A 214 -21.07 -6.83 41.88
C PRO A 214 -21.18 -5.32 42.10
N ASP A 215 -21.75 -4.91 43.24
CA ASP A 215 -21.78 -3.49 43.59
C ASP A 215 -20.38 -3.05 44.00
N LEU A 216 -20.08 -1.78 43.74
CA LEU A 216 -18.75 -1.21 43.91
C LEU A 216 -18.71 -0.29 45.13
N SER A 217 -17.63 -0.35 45.90
CA SER A 217 -17.43 0.51 47.07
C SER A 217 -16.92 1.87 46.63
N VAL A 218 -17.77 2.89 46.77
CA VAL A 218 -17.41 4.21 46.32
C VAL A 218 -16.98 5.12 47.47
N SER A 219 -17.00 4.60 48.70
CA SER A 219 -16.44 5.34 49.85
C SER A 219 -15.52 4.45 50.67
N ARG A 220 -14.76 5.08 51.56
CA ARG A 220 -13.87 4.41 52.51
C ARG A 220 -13.86 5.12 53.84
N ALA A 221 -13.51 4.37 54.89
CA ALA A 221 -13.36 4.94 56.21
C ALA A 221 -12.25 6.01 56.22
N ARG A 222 -12.55 7.12 56.91
CA ARG A 222 -11.66 8.28 57.00
C ARG A 222 -10.22 7.94 57.40
N ALA A 223 -10.06 7.10 58.41
CA ALA A 223 -8.73 6.73 58.95
C ALA A 223 -7.85 6.02 57.93
N THR A 224 -8.45 5.10 57.17
CA THR A 224 -7.71 4.28 56.20
C THR A 224 -6.95 5.11 55.19
N LEU A 225 -7.56 6.19 54.72
CA LEU A 225 -6.98 7.05 53.68
C LEU A 225 -6.04 8.14 54.21
N HIS A 226 -5.76 8.13 55.51
CA HIS A 226 -4.95 9.16 56.17
C HIS A 226 -5.52 10.55 55.90
N ASN A 227 -6.86 10.64 55.89
CA ASN A 227 -7.58 11.88 55.66
C ASN A 227 -7.14 12.66 54.42
N TRP A 228 -6.73 11.92 53.39
CA TRP A 228 -6.24 12.52 52.17
C TRP A 228 -7.16 12.09 51.03
N ALA A 229 -8.30 12.77 50.96
CA ALA A 229 -9.36 12.46 50.01
C ALA A 229 -10.50 13.47 50.19
N ILE A 230 -11.52 13.36 49.35
CA ILE A 230 -12.67 14.26 49.40
C ILE A 230 -13.75 13.72 50.35
N PRO A 231 -14.14 14.52 51.37
CA PRO A 231 -15.21 14.02 52.24
C PRO A 231 -16.53 13.72 51.50
N VAL A 232 -17.14 12.58 51.80
CA VAL A 232 -18.47 12.26 51.32
C VAL A 232 -19.44 13.33 51.79
N PRO A 233 -20.20 13.95 50.87
CA PRO A 233 -21.20 14.94 51.27
C PRO A 233 -22.20 14.34 52.26
N GLY A 234 -22.40 15.01 53.39
CA GLY A 234 -23.32 14.52 54.41
C GLY A 234 -22.78 13.44 55.31
N ASN A 235 -21.53 13.00 55.12
CA ASN A 235 -20.92 12.06 56.05
C ASN A 235 -19.42 12.28 56.17
N PRO A 236 -18.99 13.09 57.16
CA PRO A 236 -17.57 13.40 57.38
C PRO A 236 -16.70 12.22 57.78
N ASP A 237 -17.30 11.11 58.22
CA ASP A 237 -16.55 9.90 58.53
C ASP A 237 -16.00 9.21 57.29
N HIS A 238 -16.59 9.47 56.12
CA HIS A 238 -16.22 8.76 54.90
C HIS A 238 -15.55 9.67 53.90
N VAL A 240 -14.54 9.87 49.55
CA VAL A 240 -14.94 9.34 48.25
C VAL A 240 -13.83 8.49 47.64
N TYR A 241 -14.20 7.31 47.14
CA TYR A 241 -13.26 6.40 46.48
C TYR A 241 -12.40 7.18 45.49
N VAL A 242 -11.09 7.07 45.63
CA VAL A 242 -10.17 7.83 44.82
C VAL A 242 -10.49 7.71 43.33
N TRP A 243 -11.04 6.57 42.91
CA TRP A 243 -11.35 6.37 41.50
C TRP A 243 -12.58 7.14 41.01
N LEU A 244 -13.61 7.22 41.83
CA LEU A 244 -14.76 8.07 41.51
C LEU A 244 -14.28 9.51 41.41
N ASP A 245 -13.64 9.97 42.48
CA ASP A 245 -12.91 11.24 42.50
C ASP A 245 -12.12 11.45 41.20
N ALA A 246 -11.28 10.48 40.85
CA ALA A 246 -10.35 10.62 39.73
C ALA A 246 -11.06 10.68 38.37
N LEU A 247 -11.92 9.71 38.08
CA LEU A 247 -12.64 9.69 36.81
C LEU A 247 -13.42 10.99 36.59
N THR A 248 -13.87 11.60 37.68
CA THR A 248 -14.69 12.80 37.59
C THR A 248 -13.88 13.99 37.03
N ASN A 249 -12.56 13.91 37.00
CA ASN A 249 -11.74 14.97 36.38
C ASN A 249 -12.20 15.26 34.93
N TYR A 250 -12.64 14.23 34.22
CA TYR A 250 -13.05 14.40 32.84
C TYR A 250 -14.24 15.35 32.74
N LEU A 251 -15.19 15.19 33.67
CA LEU A 251 -16.36 16.06 33.74
C LEU A 251 -15.95 17.47 34.19
N THR A 252 -15.06 17.53 35.16
CA THR A 252 -14.51 18.80 35.64
C THR A 252 -13.85 19.57 34.52
N GLY A 253 -13.01 18.87 33.75
CA GLY A 253 -12.30 19.47 32.63
C GLY A 253 -13.25 20.11 31.64
N SER A 254 -14.34 19.40 31.35
CA SER A 254 -15.33 19.87 30.38
C SER A 254 -16.11 21.12 30.84
N ARG A 255 -15.97 21.47 32.13
CA ARG A 255 -16.68 22.59 32.72
C ARG A 255 -15.78 23.77 33.13
N LEU A 256 -14.47 23.66 32.89
CA LEU A 256 -13.53 24.73 33.26
C LEU A 256 -13.18 25.67 32.11
N ARG A 257 -13.54 26.94 32.27
CA ARG A 257 -13.02 28.02 31.43
C ARG A 257 -11.58 28.33 31.79
N VAL A 258 -10.69 28.25 30.80
CA VAL A 258 -9.26 28.40 31.00
C VAL A 258 -8.77 29.70 30.35
N ASP A 259 -7.90 30.45 31.05
CA ASP A 259 -7.38 31.75 30.54
C ASP A 259 -6.12 31.59 29.66
N GLU A 260 -5.47 32.71 29.35
CA GLU A 260 -4.27 32.76 28.49
C GLU A 260 -3.19 31.74 28.91
N SER A 261 -2.90 31.71 30.21
CA SER A 261 -1.78 30.93 30.76
C SER A 261 -2.09 29.46 31.09
N GLY A 262 -3.24 28.96 30.67
CA GLY A 262 -3.61 27.57 30.96
C GLY A 262 -4.06 27.34 32.39
N LYS A 263 -4.53 28.42 33.04
CA LYS A 263 -5.06 28.35 34.40
C LYS A 263 -6.59 28.49 34.38
N GLU A 264 -7.29 27.69 35.17
CA GLU A 264 -8.74 27.80 35.31
C GLU A 264 -9.12 29.15 35.89
N VAL A 265 -10.21 29.72 35.39
CA VAL A 265 -10.71 30.99 35.92
C VAL A 265 -12.17 30.91 36.41
N SER A 266 -12.92 29.92 35.93
CA SER A 266 -14.25 29.65 36.48
C SER A 266 -14.70 28.25 36.13
N LEU A 267 -15.53 27.68 37.00
CA LEU A 267 -16.21 26.43 36.76
C LEU A 267 -17.63 26.75 36.35
N VAL A 268 -18.10 26.11 35.29
CA VAL A 268 -19.43 26.36 34.76
C VAL A 268 -20.45 25.42 35.38
N ASP A 269 -21.71 25.86 35.50
CA ASP A 269 -22.77 25.05 36.11
C ASP A 269 -23.15 23.81 35.28
N ASP A 270 -23.23 24.02 33.97
CA ASP A 270 -23.73 23.03 33.03
C ASP A 270 -22.64 22.70 32.00
N PHE A 271 -22.38 21.42 31.76
CA PHE A 271 -21.34 21.01 30.80
C PHE A 271 -21.61 21.46 29.36
N ASN A 272 -22.88 21.57 28.98
CA ASN A 272 -23.29 22.03 27.64
C ASN A 272 -22.78 23.41 27.29
N GLU A 273 -22.43 24.19 28.29
CA GLU A 273 -22.00 25.56 28.08
C GLU A 273 -20.71 25.64 27.25
N LEU A 274 -19.72 24.81 27.57
CA LEU A 274 -18.45 24.79 26.84
C LEU A 274 -18.40 23.74 25.72
N GLU A 275 -19.47 22.96 25.57
CA GLU A 275 -19.61 22.00 24.48
C GLU A 275 -18.48 20.95 24.38
N ARG A 276 -17.91 20.52 25.51
CA ARG A 276 -16.84 19.51 25.49
C ARG A 276 -17.34 18.11 25.82
N PHE A 277 -18.18 18.00 26.84
CA PHE A 277 -18.61 16.70 27.35
C PHE A 277 -19.68 16.08 26.44
N PRO A 278 -19.64 14.76 26.23
CA PRO A 278 -18.71 13.76 26.75
C PRO A 278 -17.46 13.66 25.88
N ALA A 279 -16.39 13.11 26.46
CA ALA A 279 -15.13 12.93 25.74
C ALA A 279 -15.35 12.12 24.47
N ASP A 280 -14.70 12.56 23.40
CA ASP A 280 -14.74 11.89 22.12
C ASP A 280 -13.75 10.73 22.10
N VAL A 281 -12.62 10.91 22.79
CA VAL A 281 -11.62 9.87 22.99
C VAL A 281 -11.01 9.95 24.40
N HIS A 282 -11.17 8.88 25.17
CA HIS A 282 -10.39 8.71 26.40
C HIS A 282 -9.19 7.83 26.05
N VAL A 283 -7.99 8.39 26.10
CA VAL A 283 -6.76 7.61 25.96
C VAL A 283 -6.42 7.04 27.33
N ILE A 284 -6.16 5.73 27.38
CA ILE A 284 -5.79 5.04 28.62
C ILE A 284 -4.82 3.89 28.37
N GLY A 285 -4.22 3.40 29.45
CA GLY A 285 -3.43 2.18 29.39
C GLY A 285 -4.30 0.97 29.64
N LYS A 286 -3.81 -0.19 29.24
CA LYS A 286 -4.57 -1.45 29.39
C LYS A 286 -4.84 -1.79 30.85
N ASP A 287 -3.98 -1.30 31.73
CA ASP A 287 -4.11 -1.52 33.18
C ASP A 287 -5.33 -0.87 33.87
N ILE A 288 -6.02 0.08 33.21
CA ILE A 288 -7.16 0.78 33.82
C ILE A 288 -8.44 0.72 32.98
N LEU A 289 -8.60 -0.35 32.22
CA LEU A 289 -9.75 -0.49 31.33
C LEU A 289 -11.06 -0.56 32.10
N LYS A 290 -11.08 -1.27 33.23
CA LYS A 290 -12.34 -1.54 33.92
C LYS A 290 -12.93 -0.26 34.49
N PHE A 291 -12.07 0.63 34.97
CA PHE A 291 -12.56 1.86 35.60
C PHE A 291 -13.25 2.73 34.53
N HIS A 292 -12.73 2.69 33.30
CA HIS A 292 -13.19 3.55 32.21
C HIS A 292 -14.33 2.97 31.38
N ALA A 293 -14.33 1.66 31.17
CA ALA A 293 -15.31 1.03 30.29
C ALA A 293 -16.45 0.37 31.05
N ILE A 294 -16.31 0.27 32.37
CA ILE A 294 -17.35 -0.33 33.22
C ILE A 294 -17.83 0.61 34.32
N TYR A 295 -16.94 1.06 35.22
CA TYR A 295 -17.39 1.96 36.31
C TYR A 295 -17.87 3.30 35.75
N TRP A 296 -17.01 3.95 34.96
CA TRP A 296 -17.25 5.30 34.45
C TRP A 296 -18.59 5.40 33.72
N PRO A 297 -18.86 4.52 32.75
CA PRO A 297 -20.16 4.62 32.08
C PRO A 297 -21.35 4.35 33.01
N ALA A 298 -21.17 3.48 34.00
CA ALA A 298 -22.24 3.15 34.94
C ALA A 298 -22.60 4.35 35.82
N PHE A 299 -21.57 5.09 36.27
CA PHE A 299 -21.77 6.34 37.01
C PHE A 299 -22.55 7.36 36.17
N LEU A 300 -22.18 7.48 34.90
CA LEU A 300 -22.78 8.45 34.00
C LEU A 300 -24.23 8.11 33.74
N LEU A 301 -24.51 6.82 33.54
CA LEU A 301 -25.87 6.37 33.34
C LEU A 301 -26.74 6.69 34.56
N SER A 302 -26.19 6.51 35.76
CA SER A 302 -26.91 6.86 36.99
C SER A 302 -27.17 8.36 37.06
N ALA A 303 -26.15 9.16 36.73
CA ALA A 303 -26.26 10.61 36.83
C ALA A 303 -27.01 11.26 35.67
N GLY A 304 -27.50 10.45 34.73
CA GLY A 304 -28.15 10.98 33.54
C GLY A 304 -27.25 11.83 32.67
N LEU A 305 -25.95 11.51 32.64
CA LEU A 305 -24.97 12.21 31.81
C LEU A 305 -24.65 11.40 30.57
N PRO A 306 -24.20 12.06 29.49
CA PRO A 306 -23.87 11.35 28.26
C PRO A 306 -22.56 10.56 28.34
N LEU A 307 -22.52 9.42 27.66
CA LEU A 307 -21.36 8.53 27.73
C LEU A 307 -20.30 8.95 26.72
N PRO A 308 -19.02 8.63 27.00
CA PRO A 308 -17.92 8.91 26.07
C PRO A 308 -18.10 8.19 24.75
N LYS A 309 -17.49 8.70 23.70
CA LYS A 309 -17.66 8.10 22.38
C LYS A 309 -16.69 6.94 22.15
N LYS A 310 -15.42 7.14 22.50
CA LYS A 310 -14.37 6.12 22.34
C LYS A 310 -13.46 6.05 23.54
N ILE A 311 -13.14 4.83 23.95
CA ILE A 311 -12.04 4.58 24.86
C ILE A 311 -11.00 3.81 24.08
N VAL A 312 -9.78 4.33 23.99
CA VAL A 312 -8.68 3.58 23.36
C VAL A 312 -7.68 3.21 24.43
N ALA A 313 -7.35 1.93 24.49
CA ALA A 313 -6.48 1.39 25.54
C ALA A 313 -5.25 0.76 24.91
N HIS A 314 -4.12 1.45 25.05
CA HIS A 314 -2.87 1.00 24.44
C HIS A 314 -2.15 -0.06 25.28
N GLY A 315 -1.11 -0.67 24.70
CA GLY A 315 -0.41 -1.79 25.33
C GLY A 315 0.75 -1.39 26.23
N TRP A 316 0.50 -0.52 27.21
CA TRP A 316 1.51 -0.13 28.19
C TRP A 316 0.91 -0.10 29.60
N TRP A 317 1.74 -0.44 30.58
CA TRP A 317 1.39 -0.22 31.99
C TRP A 317 1.66 1.25 32.31
N THR A 318 0.61 2.08 32.24
CA THR A 318 0.78 3.52 32.46
C THR A 318 1.32 3.90 33.84
N LYS A 319 1.60 2.92 34.69
CA LYS A 319 2.21 3.17 35.99
C LYS A 319 3.06 1.99 36.51
N ASP A 320 4.15 2.34 37.20
CA ASP A 320 4.91 1.42 38.06
C ASP A 320 5.46 0.17 37.36
N ARG A 321 5.87 0.31 36.09
CA ARG A 321 6.50 -0.80 35.36
C ARG A 321 7.96 -0.99 35.80
N LYS A 322 8.54 -2.16 35.50
CA LYS A 322 9.91 -2.50 35.87
C LYS A 322 10.05 -2.62 37.38
N VAL A 331 15.56 1.93 32.82
CA VAL A 331 16.19 3.22 32.62
C VAL A 331 15.98 3.72 31.18
N PHE A 332 14.83 4.32 30.94
CA PHE A 332 14.53 4.96 29.67
C PHE A 332 13.94 6.34 29.96
N ASP A 333 14.82 7.35 30.02
CA ASP A 333 14.41 8.74 30.29
C ASP A 333 13.99 9.41 28.97
N PRO A 334 12.73 9.88 28.88
CA PRO A 334 12.29 10.48 27.61
C PRO A 334 13.00 11.78 27.26
N VAL A 335 13.27 12.62 28.26
CA VAL A 335 14.02 13.86 28.00
C VAL A 335 15.43 13.56 27.49
N GLU A 336 16.17 12.68 28.17
CA GLU A 336 17.53 12.34 27.74
C GLU A 336 17.58 11.69 26.35
N LYS A 337 16.55 10.91 26.01
CA LYS A 337 16.47 10.32 24.67
C LYS A 337 16.12 11.37 23.62
N ALA A 338 15.31 12.36 24.00
CA ALA A 338 14.91 13.43 23.09
C ALA A 338 16.05 14.41 22.81
N GLU A 339 16.92 14.61 23.80
CA GLU A 339 18.12 15.43 23.63
C GLU A 339 19.16 14.70 22.77
N GLU A 340 19.17 13.37 22.86
CA GLU A 340 20.07 12.53 22.05
C GLU A 340 19.61 12.44 20.58
N PHE A 341 18.38 11.99 20.36
CA PHE A 341 17.88 11.68 19.00
C PHE A 341 16.95 12.75 18.43
N GLY A 342 16.51 13.69 19.26
CA GLY A 342 15.56 14.73 18.82
C GLY A 342 14.17 14.47 19.36
N TYR A 343 13.37 15.53 19.46
CA TYR A 343 12.04 15.44 20.09
C TYR A 343 10.98 14.83 19.18
N ASP A 344 10.94 15.28 17.93
CA ASP A 344 9.99 14.71 16.97
C ASP A 344 10.37 13.27 16.58
N ALA A 345 11.66 12.98 16.55
CA ALA A 345 12.14 11.64 16.22
C ALA A 345 11.74 10.61 17.28
N LEU A 346 11.95 10.95 18.55
CA LEU A 346 11.50 10.12 19.66
C LEU A 346 9.99 9.87 19.59
N LYS A 347 9.22 10.94 19.50
CA LYS A 347 7.77 10.82 19.43
C LYS A 347 7.37 9.93 18.26
N TYR A 348 8.01 10.12 17.11
CA TYR A 348 7.79 9.27 15.95
C TYR A 348 8.12 7.83 16.27
N PHE A 349 9.22 7.63 16.97
CA PHE A 349 9.65 6.28 17.27
C PHE A 349 8.69 5.55 18.22
N LEU A 350 8.21 6.24 19.25
CA LEU A 350 7.27 5.62 20.20
C LEU A 350 5.93 5.33 19.53
N LEU A 351 5.57 6.12 18.54
CA LEU A 351 4.27 5.97 17.89
C LEU A 351 4.35 4.94 16.77
N ARG A 352 5.53 4.81 16.18
CA ARG A 352 5.74 3.87 15.07
C ARG A 352 6.01 2.44 15.56
N GLU A 353 6.73 2.32 16.66
CA GLU A 353 7.17 1.01 17.15
C GLU A 353 6.11 0.31 17.99
N SER A 354 5.22 1.10 18.59
CA SER A 354 4.22 0.59 19.54
C SER A 354 2.85 0.54 18.88
N GLY A 355 2.41 -0.66 18.54
CA GLY A 355 1.02 -0.88 18.17
C GLY A 355 0.23 -1.02 19.45
N PHE A 356 -0.68 -1.99 19.49
CA PHE A 356 -1.50 -2.23 20.67
C PHE A 356 -0.92 -3.40 21.46
N SER A 357 0.36 -3.28 21.82
CA SER A 357 1.08 -4.32 22.56
C SER A 357 2.37 -3.81 23.22
N ASP A 358 2.92 -4.65 24.10
CA ASP A 358 4.21 -4.41 24.75
C ASP A 358 5.36 -5.08 23.94
N ASP A 359 5.04 -5.62 22.77
CA ASP A 359 5.98 -6.39 21.95
C ASP A 359 6.98 -5.53 21.14
N GLY A 360 6.94 -4.21 21.34
CA GLY A 360 7.80 -3.30 20.59
C GLY A 360 9.25 -3.36 21.05
N ASP A 361 10.15 -3.07 20.11
CA ASP A 361 11.59 -3.08 20.35
C ASP A 361 12.07 -1.65 20.59
N TYR A 362 12.49 -1.33 21.82
CA TYR A 362 12.87 0.05 22.19
C TYR A 362 14.37 0.23 22.45
N SER A 363 15.20 -0.55 21.76
CA SER A 363 16.64 -0.42 21.88
C SER A 363 17.13 0.80 21.12
N ASP A 364 18.33 1.27 21.47
CA ASP A 364 19.00 2.32 20.70
C ASP A 364 19.25 1.86 19.28
N LYS A 365 19.61 0.59 19.13
CA LYS A 365 19.85 0.00 17.82
C LYS A 365 18.67 0.25 16.91
N ASN A 366 17.47 -0.04 17.39
CA ASN A 366 16.27 0.11 16.57
C ASN A 366 15.80 1.57 16.42
N MET A 367 16.07 2.40 17.42
CA MET A 367 15.80 3.84 17.30
C MET A 367 16.63 4.47 16.19
N ILE A 368 17.88 4.02 16.07
CA ILE A 368 18.77 4.52 15.03
C ILE A 368 18.36 3.97 13.66
N ALA A 369 17.93 2.71 13.62
CA ALA A 369 17.46 2.09 12.39
C ALA A 369 16.26 2.83 11.81
N ARG A 370 15.32 3.23 12.67
CA ARG A 370 14.14 3.98 12.21
C ARG A 370 14.46 5.44 11.87
N LEU A 371 15.33 6.06 12.66
CA LEU A 371 15.78 7.42 12.40
C LEU A 371 16.42 7.49 11.03
N ASN A 372 17.48 6.69 10.84
CA ASN A 372 18.21 6.66 9.58
C ASN A 372 17.36 6.09 8.47
N GLY A 373 16.74 4.93 8.73
CA GLY A 373 15.94 4.25 7.73
C GLY A 373 14.80 5.09 7.21
N GLU A 374 13.88 5.46 8.09
CA GLU A 374 12.64 6.10 7.68
C GLU A 374 12.73 7.62 7.67
N LEU A 375 13.09 8.22 8.81
CA LEU A 375 13.10 9.68 8.92
C LEU A 375 14.11 10.34 8.00
N ALA A 376 15.33 9.81 7.93
CA ALA A 376 16.39 10.39 7.09
C ALA A 376 16.34 9.94 5.62
N ASP A 377 16.47 8.64 5.36
CA ASP A 377 16.53 8.14 3.98
C ASP A 377 15.22 8.30 3.22
N THR A 378 14.10 8.15 3.89
CA THR A 378 12.81 8.25 3.20
C THR A 378 12.24 9.66 3.22
N LEU A 379 12.06 10.26 4.40
CA LEU A 379 11.49 11.62 4.47
C LEU A 379 12.56 12.69 4.18
N GLY A 380 13.67 12.65 4.90
CA GLY A 380 14.73 13.64 4.77
C GLY A 380 15.34 13.73 3.38
N ASN A 381 15.84 12.61 2.87
CA ASN A 381 16.46 12.56 1.54
C ASN A 381 15.51 13.15 0.50
N LEU A 382 14.23 12.79 0.62
CA LEU A 382 13.22 13.20 -0.32
C LEU A 382 12.97 14.70 -0.31
N VAL A 383 12.96 15.29 0.89
CA VAL A 383 12.77 16.73 1.05
C VAL A 383 13.90 17.54 0.42
N MET A 384 15.12 16.99 0.50
CA MET A 384 16.30 17.65 -0.06
C MET A 384 16.26 17.64 -1.58
N ARG A 385 15.99 16.47 -2.15
CA ARG A 385 15.96 16.31 -3.59
C ARG A 385 15.08 17.34 -4.28
N CYS A 386 13.84 17.49 -3.81
CA CYS A 386 12.89 18.38 -4.46
C CYS A 386 13.09 19.86 -4.12
N THR A 387 14.03 20.17 -3.22
CA THR A 387 14.45 21.56 -2.94
C THR A 387 15.87 21.87 -3.39
N SER A 388 16.66 20.84 -3.64
CA SER A 388 18.06 20.96 -4.07
C SER A 388 18.22 22.00 -5.18
N ALA A 389 19.14 22.95 -4.97
CA ALA A 389 19.45 23.95 -5.99
C ALA A 389 19.99 23.31 -7.27
N LYS A 390 20.66 22.17 -7.10
CA LYS A 390 21.13 21.36 -8.22
C LYS A 390 19.96 20.83 -9.06
N ILE A 391 18.87 20.39 -8.42
CA ILE A 391 17.72 19.83 -9.16
C ILE A 391 16.62 20.86 -9.42
N ASN A 392 16.00 21.38 -8.36
CA ASN A 392 15.04 22.48 -8.48
C ASN A 392 15.80 23.78 -8.72
N VAL A 393 16.23 23.99 -9.96
CA VAL A 393 17.16 25.07 -10.26
C VAL A 393 16.56 26.46 -10.10
N ASN A 394 15.23 26.56 -10.20
CA ASN A 394 14.55 27.84 -10.06
C ASN A 394 14.09 28.15 -8.64
N GLY A 395 14.25 27.19 -7.73
CA GLY A 395 13.81 27.37 -6.35
C GLY A 395 12.36 27.81 -6.31
N GLU A 396 11.50 27.09 -7.04
CA GLU A 396 10.07 27.37 -7.07
C GLU A 396 9.29 26.07 -7.23
N TRP A 397 7.96 26.16 -7.16
CA TRP A 397 7.09 25.07 -7.58
C TRP A 397 6.85 25.26 -9.07
N PRO A 398 7.32 24.32 -9.91
CA PRO A 398 7.11 24.46 -11.33
C PRO A 398 5.69 24.08 -11.73
N SER A 399 5.30 24.47 -12.94
CA SER A 399 4.04 24.03 -13.55
C SER A 399 4.24 22.65 -14.18
N PRO A 400 3.41 21.66 -13.80
CA PRO A 400 3.59 20.35 -14.43
C PRO A 400 3.17 20.37 -15.88
N ALA A 401 3.80 19.53 -16.69
CA ALA A 401 3.43 19.34 -18.09
C ALA A 401 2.41 18.19 -18.14
N ALA A 402 2.43 17.41 -19.22
CA ALA A 402 1.54 16.25 -19.33
C ALA A 402 1.95 15.16 -18.37
N TYR A 403 0.95 14.44 -17.85
CA TYR A 403 1.18 13.33 -16.94
C TYR A 403 1.23 12.01 -17.69
N THR A 404 2.24 11.19 -17.39
CA THR A 404 2.27 9.80 -17.85
C THR A 404 1.40 8.96 -16.93
N GLU A 405 1.14 7.71 -17.33
CA GLU A 405 0.39 6.78 -16.48
C GLU A 405 1.09 6.50 -15.16
N GLU A 406 2.41 6.49 -15.19
CA GLU A 406 3.17 6.32 -13.97
C GLU A 406 3.01 7.55 -13.06
N ASP A 407 3.08 8.76 -13.63
CA ASP A 407 2.84 9.97 -12.87
C ASP A 407 1.48 9.87 -12.16
N GLU A 408 0.46 9.51 -12.93
CA GLU A 408 -0.89 9.37 -12.38
C GLU A 408 -0.97 8.31 -11.29
N SER A 409 -0.29 7.18 -11.47
CA SER A 409 -0.32 6.12 -10.46
C SER A 409 0.17 6.66 -9.11
N LEU A 410 1.25 7.43 -9.13
CA LEU A 410 1.76 8.05 -7.92
C LEU A 410 0.81 9.12 -7.39
N ILE A 411 0.33 9.99 -8.28
CA ILE A 411 -0.64 11.03 -7.91
C ILE A 411 -1.87 10.44 -7.25
N GLN A 412 -2.32 9.30 -7.78
CA GLN A 412 -3.47 8.61 -7.22
C GLN A 412 -3.23 8.22 -5.76
N LEU A 413 -2.02 7.73 -5.46
CA LEU A 413 -1.68 7.37 -4.09
C LEU A 413 -1.74 8.59 -3.19
N ILE A 414 -1.28 9.72 -3.70
CA ILE A 414 -1.24 10.95 -2.93
C ILE A 414 -2.67 11.45 -2.68
N LYS A 415 -3.56 11.28 -3.66
CA LYS A 415 -4.95 11.71 -3.52
C LYS A 415 -5.72 10.84 -2.53
N ASP A 416 -5.50 9.54 -2.56
CA ASP A 416 -6.22 8.65 -1.67
C ASP A 416 -5.69 8.66 -0.24
N LEU A 417 -4.46 9.13 -0.05
CA LEU A 417 -3.80 9.03 1.25
C LEU A 417 -4.53 9.74 2.41
N PRO A 418 -5.04 10.97 2.19
CA PRO A 418 -5.76 11.69 3.24
C PRO A 418 -6.94 10.93 3.84
N GLY A 419 -7.82 10.42 2.99
CA GLY A 419 -9.00 9.73 3.46
C GLY A 419 -8.66 8.48 4.26
N THR A 420 -7.58 7.82 3.87
CA THR A 420 -7.13 6.60 4.54
C THR A 420 -6.50 6.95 5.90
N ALA A 421 -5.56 7.89 5.90
CA ALA A 421 -4.93 8.37 7.13
C ALA A 421 -5.98 8.94 8.08
N ASP A 422 -6.99 9.61 7.52
CA ASP A 422 -8.13 10.10 8.29
C ASP A 422 -8.79 8.99 9.07
N HIS A 423 -9.16 7.91 8.39
CA HIS A 423 -9.82 6.80 9.06
C HIS A 423 -8.96 6.24 10.19
N TYR A 424 -7.67 6.04 9.92
CA TYR A 424 -6.75 5.49 10.91
C TYR A 424 -6.64 6.38 12.15
N TYR A 425 -6.47 7.67 11.94
CA TYR A 425 -6.43 8.64 13.04
C TYR A 425 -7.72 8.62 13.83
N LEU A 426 -8.83 8.35 13.17
CA LEU A 426 -10.13 8.35 13.84
C LEU A 426 -10.50 7.04 14.54
N ILE A 427 -9.74 5.97 14.33
CA ILE A 427 -10.04 4.69 14.99
C ILE A 427 -10.02 4.79 16.53
N PRO A 428 -8.91 5.30 17.13
CA PRO A 428 -7.64 5.78 16.60
C PRO A 428 -6.54 4.72 16.58
N ASP A 429 -5.77 4.66 15.49
CA ASP A 429 -4.61 3.80 15.40
C ASP A 429 -3.52 4.63 14.73
N ILE A 430 -2.71 5.29 15.55
CA ILE A 430 -1.70 6.22 15.04
C ILE A 430 -0.56 5.50 14.31
N GLN A 431 -0.17 4.31 14.78
CA GLN A 431 0.81 3.49 14.08
C GLN A 431 0.37 3.24 12.63
N LYS A 432 -0.85 2.77 12.45
CA LYS A 432 -1.33 2.49 11.10
C LYS A 432 -1.41 3.75 10.21
N ALA A 433 -1.69 4.90 10.80
CA ALA A 433 -1.69 6.16 10.03
C ALA A 433 -0.28 6.53 9.55
N ILE A 434 0.70 6.40 10.42
CA ILE A 434 2.10 6.65 10.09
C ILE A 434 2.56 5.68 9.00
N ILE A 435 2.33 4.39 9.21
CA ILE A 435 2.67 3.39 8.20
C ILE A 435 2.07 3.78 6.85
N ALA A 436 0.79 4.14 6.83
CA ALA A 436 0.10 4.50 5.59
C ALA A 436 0.73 5.72 4.91
N VAL A 437 1.20 6.68 5.69
CA VAL A 437 1.88 7.83 5.11
C VAL A 437 3.21 7.41 4.52
N PHE A 438 4.03 6.73 5.29
CA PHE A 438 5.36 6.34 4.83
C PHE A 438 5.34 5.37 3.63
N ASP A 439 4.23 4.64 3.45
CA ASP A 439 4.05 3.80 2.26
C ASP A 439 4.02 4.68 1.03
N VAL A 440 3.35 5.83 1.14
CA VAL A 440 3.30 6.81 0.06
C VAL A 440 4.65 7.49 -0.10
N LEU A 441 5.37 7.69 1.00
CA LEU A 441 6.70 8.29 0.91
C LEU A 441 7.68 7.34 0.21
N ARG A 442 7.67 6.08 0.61
CA ARG A 442 8.48 5.06 -0.07
C ARG A 442 8.22 5.05 -1.58
N ALA A 443 6.96 5.21 -1.96
CA ALA A 443 6.56 5.20 -3.37
C ALA A 443 7.04 6.43 -4.12
N ILE A 444 7.03 7.57 -3.45
CA ILE A 444 7.52 8.80 -4.06
C ILE A 444 9.01 8.67 -4.35
N ASN A 445 9.75 8.12 -3.38
CA ASN A 445 11.19 7.91 -3.54
C ASN A 445 11.54 6.96 -4.67
N ALA A 446 10.73 5.92 -4.83
CA ALA A 446 10.91 4.97 -5.93
C ALA A 446 10.69 5.71 -7.24
N TYR A 447 9.60 6.46 -7.30
CA TYR A 447 9.30 7.29 -8.47
C TYR A 447 10.47 8.18 -8.85
N VAL A 448 11.08 8.85 -7.86
CA VAL A 448 12.17 9.78 -8.13
C VAL A 448 13.45 9.06 -8.56
N THR A 449 13.77 7.94 -7.92
CA THR A 449 14.87 7.10 -8.37
C THR A 449 14.65 6.70 -9.82
N ASP A 450 13.43 6.28 -10.12
CA ASP A 450 13.04 5.79 -11.43
C ASP A 450 13.15 6.90 -12.48
N MET A 451 12.85 8.14 -12.07
CA MET A 451 12.84 9.27 -12.99
C MET A 451 14.14 10.08 -13.05
N ALA A 452 15.10 9.80 -12.18
CA ALA A 452 16.39 10.49 -12.20
C ALA A 452 16.30 11.95 -12.64
N PRO A 453 15.65 12.80 -11.82
CA PRO A 453 15.42 14.21 -12.17
C PRO A 453 16.71 15.02 -12.26
N TRP A 454 17.71 14.60 -11.52
CA TRP A 454 19.06 15.18 -11.65
C TRP A 454 19.56 15.07 -13.10
N LYS A 455 19.27 13.96 -13.77
CA LYS A 455 19.60 13.81 -15.18
C LYS A 455 18.68 14.65 -16.08
N LEU A 456 17.42 14.79 -15.69
CA LEU A 456 16.44 15.51 -16.51
C LEU A 456 16.76 17.00 -16.69
N VAL A 457 17.46 17.59 -15.72
CA VAL A 457 17.83 19.02 -15.78
C VAL A 457 18.44 19.37 -17.13
N LYS A 458 19.32 18.51 -17.62
CA LYS A 458 19.98 18.71 -18.93
C LYS A 458 19.17 18.15 -20.11
N THR A 459 18.73 16.90 -20.00
CA THR A 459 18.09 16.19 -21.12
C THR A 459 16.67 16.68 -21.44
N ASP A 460 15.80 16.77 -20.43
CA ASP A 460 14.38 17.09 -20.64
C ASP A 460 13.83 18.00 -19.53
N PRO A 461 13.89 19.33 -19.73
CA PRO A 461 13.37 20.34 -18.80
C PRO A 461 11.87 20.25 -18.54
N GLU A 462 11.08 19.95 -19.56
CA GLU A 462 9.64 19.83 -19.42
C GLU A 462 9.29 18.67 -18.52
N ARG A 463 9.92 17.54 -18.78
CA ARG A 463 9.69 16.35 -17.97
C ARG A 463 10.10 16.60 -16.52
N LEU A 464 11.15 17.39 -16.32
CA LEU A 464 11.54 17.77 -14.97
C LEU A 464 10.44 18.55 -14.27
N ARG A 465 9.83 19.50 -14.98
CA ARG A 465 8.75 20.27 -14.37
C ARG A 465 7.71 19.34 -13.79
N THR A 466 7.26 18.36 -14.57
CA THR A 466 6.22 17.42 -14.13
C THR A 466 6.64 16.61 -12.90
N VAL A 467 7.83 16.02 -12.98
CA VAL A 467 8.37 15.16 -11.92
C VAL A 467 8.50 15.93 -10.60
N LEU A 468 9.05 17.12 -10.68
CA LEU A 468 9.37 17.91 -9.50
C LEU A 468 8.12 18.42 -8.80
N TYR A 469 7.13 18.81 -9.58
CA TYR A 469 5.85 19.26 -9.04
C TYR A 469 5.22 18.15 -8.24
N ILE A 470 5.09 16.97 -8.84
CA ILE A 470 4.49 15.81 -8.18
C ILE A 470 5.23 15.49 -6.89
N THR A 471 6.56 15.55 -6.94
CA THR A 471 7.37 15.27 -5.75
C THR A 471 7.09 16.29 -4.64
N LEU A 472 6.99 17.56 -5.01
CA LEU A 472 6.73 18.61 -4.03
C LEU A 472 5.37 18.44 -3.35
N GLU A 473 4.35 18.18 -4.14
CA GLU A 473 3.00 18.02 -3.60
C GLU A 473 2.91 16.75 -2.76
N GLY A 474 3.56 15.69 -3.20
CA GLY A 474 3.59 14.47 -2.40
C GLY A 474 4.26 14.70 -1.05
N VAL A 475 5.39 15.40 -1.07
CA VAL A 475 6.10 15.74 0.16
C VAL A 475 5.27 16.68 1.04
N ARG A 476 4.53 17.61 0.43
CA ARG A 476 3.65 18.52 1.19
C ARG A 476 2.52 17.76 1.86
N VAL A 477 1.79 16.95 1.09
CA VAL A 477 0.61 16.25 1.61
C VAL A 477 0.99 15.23 2.69
N THR A 478 2.08 14.48 2.47
CA THR A 478 2.58 13.55 3.47
C THR A 478 2.98 14.32 4.71
N THR A 479 3.75 15.39 4.53
CA THR A 479 4.22 16.19 5.65
C THR A 479 3.06 16.76 6.45
N LEU A 480 1.98 17.10 5.77
CA LEU A 480 0.78 17.61 6.44
C LEU A 480 0.17 16.56 7.35
N LEU A 481 -0.04 15.36 6.82
CA LEU A 481 -0.65 14.29 7.61
C LEU A 481 0.29 13.78 8.68
N LEU A 482 1.60 14.01 8.50
CA LEU A 482 2.58 13.68 9.53
C LEU A 482 2.76 14.76 10.58
N SER A 483 2.14 15.92 10.39
CA SER A 483 2.41 17.08 11.24
C SER A 483 2.01 16.90 12.70
N PRO A 484 0.96 16.11 12.99
CA PRO A 484 0.69 15.77 14.39
C PRO A 484 1.79 14.94 15.08
N ILE A 485 2.53 14.13 14.33
CA ILE A 485 3.63 13.34 14.89
C ILE A 485 4.96 14.10 14.93
N LEU A 486 5.21 14.91 13.90
CA LEU A 486 6.48 15.63 13.77
C LEU A 486 6.21 17.14 13.69
N PRO A 487 5.68 17.75 14.77
CA PRO A 487 5.17 19.13 14.70
C PRO A 487 6.20 20.19 14.35
N ARG A 488 7.38 20.11 14.98
CA ARG A 488 8.43 21.10 14.74
C ARG A 488 9.07 20.89 13.36
N LYS A 489 9.28 19.62 13.00
CA LYS A 489 9.93 19.30 11.73
C LYS A 489 9.03 19.57 10.54
N SER A 490 7.72 19.38 10.69
CA SER A 490 6.78 19.70 9.62
C SER A 490 6.79 21.21 9.32
N VAL A 491 7.04 22.02 10.33
CA VAL A 491 7.18 23.47 10.13
C VAL A 491 8.46 23.76 9.34
N VAL A 492 9.55 23.07 9.67
CA VAL A 492 10.80 23.24 8.94
C VAL A 492 10.62 22.78 7.48
N ILE A 493 9.93 21.67 7.27
CA ILE A 493 9.69 21.18 5.92
C ILE A 493 8.85 22.18 5.12
N PHE A 494 7.74 22.65 5.68
CA PHE A 494 6.92 23.61 4.96
C PHE A 494 7.71 24.87 4.64
N ASP A 495 8.55 25.33 5.55
CA ASP A 495 9.39 26.51 5.32
C ASP A 495 10.31 26.31 4.12
N MET A 496 10.89 25.12 4.00
CA MET A 496 11.75 24.79 2.87
C MET A 496 10.94 24.74 1.57
N LEU A 497 9.77 24.12 1.62
CA LEU A 497 8.89 24.06 0.46
C LEU A 497 8.24 25.40 0.13
N GLY A 498 8.32 26.37 1.04
CA GLY A 498 7.76 27.69 0.81
C GLY A 498 6.24 27.72 0.90
N VAL A 499 5.66 26.77 1.61
CA VAL A 499 4.22 26.64 1.71
C VAL A 499 3.64 27.73 2.59
N PRO A 500 2.73 28.55 2.05
CA PRO A 500 2.11 29.59 2.87
C PRO A 500 1.41 29.04 4.12
N GLU A 501 1.35 29.82 5.20
CA GLU A 501 0.77 29.37 6.47
C GLU A 501 -0.65 28.86 6.36
N VAL A 502 -1.46 29.54 5.54
CA VAL A 502 -2.85 29.16 5.31
C VAL A 502 -3.01 27.73 4.77
N HIS A 503 -2.01 27.26 4.03
CA HIS A 503 -2.05 25.94 3.42
C HIS A 503 -1.47 24.82 4.29
N ARG A 504 -1.19 25.13 5.56
CA ARG A 504 -0.63 24.15 6.50
C ARG A 504 -1.69 23.52 7.43
N LYS A 505 -2.95 23.84 7.18
CA LYS A 505 -4.04 23.55 8.10
C LYS A 505 -5.26 23.34 7.24
N GLY A 506 -6.27 22.66 7.76
CA GLY A 506 -7.58 22.60 7.08
C GLY A 506 -7.69 21.49 6.05
N ILE A 507 -8.87 20.90 5.96
CA ILE A 507 -9.12 19.75 5.07
C ILE A 507 -9.08 20.16 3.61
N GLU A 508 -9.31 21.44 3.36
CA GLU A 508 -9.10 22.03 2.04
C GLU A 508 -7.71 21.65 1.53
N ASN A 509 -6.70 21.75 2.39
CA ASN A 509 -5.33 21.53 2.01
C ASN A 509 -4.84 20.06 2.04
N PHE A 510 -5.75 19.13 2.31
CA PHE A 510 -5.51 17.70 2.08
C PHE A 510 -5.58 17.36 0.58
N GLU A 511 -6.16 18.25 -0.22
CA GLU A 511 -6.35 18.03 -1.64
C GLU A 511 -5.08 18.28 -2.47
N PHE A 512 -4.89 17.46 -3.50
CA PHE A 512 -3.78 17.58 -4.43
C PHE A 512 -3.88 18.90 -5.18
N GLY A 513 -2.75 19.60 -5.26
CA GLY A 513 -2.65 20.89 -5.95
C GLY A 513 -3.16 22.08 -5.16
N ALA A 514 -2.98 22.07 -3.84
CA ALA A 514 -3.49 23.15 -3.00
C ALA A 514 -2.54 24.36 -3.07
N VAL A 515 -1.25 24.09 -3.22
CA VAL A 515 -0.26 25.13 -3.42
C VAL A 515 -0.06 25.32 -4.92
N PRO A 516 -0.12 26.58 -5.40
CA PRO A 516 0.00 26.81 -6.84
C PRO A 516 1.45 26.88 -7.35
N PRO A 517 1.66 26.49 -8.61
CA PRO A 517 2.93 26.69 -9.28
C PRO A 517 3.33 28.14 -9.20
N GLY A 518 4.63 28.41 -9.10
CA GLY A 518 5.13 29.76 -8.91
C GLY A 518 5.51 30.07 -7.47
N THR A 519 4.94 29.33 -6.52
CA THR A 519 5.30 29.47 -5.12
C THR A 519 6.80 29.30 -4.96
N ARG A 520 7.45 30.26 -4.33
CA ARG A 520 8.91 30.22 -4.15
C ARG A 520 9.31 29.46 -2.89
N LEU A 521 10.41 28.71 -2.99
CA LEU A 521 10.94 27.96 -1.86
C LEU A 521 11.54 28.87 -0.79
N GLY A 522 11.68 28.34 0.42
CA GLY A 522 12.24 29.09 1.54
C GLY A 522 13.74 29.14 1.45
N PRO A 523 14.36 30.14 2.09
CA PRO A 523 15.81 30.26 1.99
C PRO A 523 16.53 29.05 2.58
N ALA A 524 17.63 28.63 1.94
CA ALA A 524 18.44 27.48 2.39
C ALA A 524 19.52 27.94 3.37
N VAL A 525 20.31 26.99 3.89
CA VAL A 525 21.49 27.30 4.73
C VAL A 525 22.66 26.31 4.46
N GLU A 526 23.86 26.85 4.22
CA GLU A 526 25.02 26.10 3.66
C GLU A 526 25.27 24.66 4.15
N GLY A 527 25.02 24.38 5.43
CA GLY A 527 25.21 23.03 6.00
C GLY A 527 23.96 22.45 6.64
N GLU A 528 22.81 22.71 6.04
CA GLU A 528 21.52 22.30 6.60
C GLU A 528 21.22 20.82 6.33
N VAL A 529 20.71 20.13 7.35
CA VAL A 529 20.23 18.76 7.22
C VAL A 529 19.01 18.61 8.13
N LEU A 530 17.97 17.92 7.64
CA LEU A 530 16.67 17.88 8.31
C LEU A 530 16.65 16.84 9.43
N PHE A 531 17.02 15.59 9.09
CA PHE A 531 17.23 14.55 10.08
C PHE A 531 18.65 14.05 9.95
N SER A 532 19.37 14.06 11.07
CA SER A 532 20.81 13.81 11.07
C SER A 532 21.08 12.34 11.34
N LYS A 533 21.82 11.70 10.44
CA LYS A 533 22.13 10.27 10.56
C LYS A 533 23.04 9.97 11.75
N ARG A 534 22.53 9.15 12.66
CA ARG A 534 23.29 8.75 13.83
C ARG A 534 24.10 7.50 13.50
N SER A 535 25.42 7.56 13.71
CA SER A 535 26.30 6.40 13.53
C SER A 535 25.81 5.23 14.40
N THR A 536 25.79 4.02 13.85
CA THR A 536 25.20 2.85 14.53
C THR A 536 25.95 2.49 15.82
N GLY B 1 -10.57 6.45 -5.44
CA GLY B 1 -10.31 7.22 -6.69
C GLY B 1 -10.74 6.45 -7.94
N PRO B 2 -11.61 7.06 -8.77
CA PRO B 2 -12.03 6.43 -10.03
C PRO B 2 -10.86 6.02 -10.91
N GLY B 3 -10.99 4.92 -11.62
CA GLY B 3 -9.99 4.51 -12.62
C GLY B 3 -10.25 5.23 -13.93
N SER B 4 -9.54 4.85 -14.98
CA SER B 4 -9.80 5.43 -16.29
C SER B 4 -10.99 4.71 -16.89
N MET B 5 -11.70 5.41 -17.77
CA MET B 5 -12.87 4.83 -18.41
C MET B 5 -12.44 3.91 -19.53
N LYS B 6 -13.37 3.08 -20.01
CA LYS B 6 -13.07 2.14 -21.08
C LYS B 6 -12.66 2.92 -22.30
N VAL B 7 -11.70 2.39 -23.04
CA VAL B 7 -11.33 2.91 -24.36
C VAL B 7 -12.51 2.82 -25.33
N GLU B 8 -12.54 3.70 -26.32
CA GLU B 8 -13.55 3.67 -27.37
C GLU B 8 -13.21 2.64 -28.44
N LYS B 9 -11.93 2.53 -28.77
CA LYS B 9 -11.46 1.62 -29.80
C LYS B 9 -11.43 0.19 -29.27
N VAL B 10 -10.90 -0.72 -30.08
CA VAL B 10 -10.65 -2.07 -29.63
C VAL B 10 -9.24 -2.10 -29.06
N PHE B 11 -9.10 -2.49 -27.79
CA PHE B 11 -7.80 -2.48 -27.15
C PHE B 11 -6.90 -3.51 -27.82
N PHE B 12 -5.81 -3.04 -28.42
CA PHE B 12 -4.98 -3.89 -29.26
C PHE B 12 -3.63 -4.11 -28.59
N VAL B 13 -3.41 -5.34 -28.13
CA VAL B 13 -2.21 -5.72 -27.38
C VAL B 13 -1.50 -6.87 -28.08
N THR B 14 -0.18 -6.76 -28.23
CA THR B 14 0.60 -7.73 -29.01
C THR B 14 1.72 -8.34 -28.18
N SER B 15 2.07 -9.57 -28.53
CA SER B 15 3.37 -10.13 -28.19
C SER B 15 4.19 -10.00 -29.45
N PRO B 16 5.52 -10.16 -29.36
CA PRO B 16 6.28 -10.22 -30.60
C PRO B 16 6.04 -11.56 -31.29
N ILE B 17 6.33 -11.65 -32.57
CA ILE B 17 6.28 -12.93 -33.26
C ILE B 17 7.66 -13.60 -33.15
N TYR B 18 7.65 -14.89 -32.84
CA TYR B 18 8.86 -15.60 -32.41
C TYR B 18 9.43 -16.40 -33.55
N TYR B 19 10.76 -16.48 -33.61
CA TYR B 19 11.44 -17.16 -34.71
C TYR B 19 11.30 -18.68 -34.58
N VAL B 20 11.04 -19.33 -35.71
CA VAL B 20 10.77 -20.77 -35.73
C VAL B 20 12.00 -21.66 -35.93
N ASN B 21 13.20 -21.10 -35.75
CA ASN B 21 14.43 -21.91 -35.75
C ASN B 21 14.76 -22.49 -34.37
N ALA B 22 13.84 -22.29 -33.41
CA ALA B 22 13.97 -22.85 -32.06
C ALA B 22 12.58 -23.23 -31.57
N ALA B 23 12.52 -24.27 -30.74
CA ALA B 23 11.27 -24.74 -30.16
C ALA B 23 10.82 -23.74 -29.10
N PRO B 24 9.51 -23.71 -28.78
CA PRO B 24 9.04 -22.73 -27.82
C PRO B 24 9.66 -22.94 -26.43
N HIS B 25 10.15 -21.84 -25.83
CA HIS B 25 10.81 -21.87 -24.52
C HIS B 25 10.28 -20.73 -23.62
N ILE B 26 10.88 -20.58 -22.44
CA ILE B 26 10.40 -19.66 -21.40
C ILE B 26 10.30 -18.21 -21.86
N GLY B 27 11.29 -17.75 -22.61
CA GLY B 27 11.25 -16.46 -23.27
C GLY B 27 9.92 -16.13 -23.95
N HIS B 28 9.51 -16.99 -24.89
CA HIS B 28 8.27 -16.74 -25.64
C HIS B 28 7.05 -16.87 -24.74
N VAL B 29 7.12 -17.81 -23.82
CA VAL B 29 6.01 -18.07 -22.90
C VAL B 29 5.76 -16.83 -22.04
N TYR B 30 6.84 -16.28 -21.50
CA TYR B 30 6.78 -15.10 -20.65
C TYR B 30 6.19 -13.91 -21.40
N SER B 31 6.75 -13.61 -22.58
CA SER B 31 6.24 -12.54 -23.43
C SER B 31 4.75 -12.67 -23.70
N THR B 32 4.33 -13.85 -24.13
CA THR B 32 2.94 -14.10 -24.46
C THR B 32 2.07 -14.05 -23.20
N LEU B 33 2.60 -14.47 -22.06
CA LEU B 33 1.90 -14.39 -20.78
C LEU B 33 1.52 -12.96 -20.43
N ILE B 34 2.47 -12.04 -20.58
CA ILE B 34 2.24 -10.63 -20.30
C ILE B 34 1.20 -10.07 -21.27
N THR B 35 1.27 -10.51 -22.52
CA THR B 35 0.33 -10.08 -23.53
C THR B 35 -1.05 -10.56 -23.11
N ASP B 36 -1.15 -11.84 -22.82
CA ASP B 36 -2.41 -12.46 -22.41
C ASP B 36 -3.03 -11.78 -21.20
N VAL B 37 -2.19 -11.43 -20.23
CA VAL B 37 -2.67 -10.82 -18.99
C VAL B 37 -3.27 -9.44 -19.26
N ILE B 38 -2.52 -8.60 -19.97
CA ILE B 38 -3.00 -7.26 -20.32
C ILE B 38 -4.30 -7.42 -21.09
N GLY B 39 -4.33 -8.37 -22.01
CA GLY B 39 -5.55 -8.65 -22.77
C GLY B 39 -6.72 -9.01 -21.88
N ARG B 40 -6.47 -9.93 -20.95
CA ARG B 40 -7.50 -10.33 -20.00
C ARG B 40 -8.00 -9.14 -19.19
N TYR B 41 -7.07 -8.33 -18.67
CA TYR B 41 -7.50 -7.21 -17.82
C TYR B 41 -8.55 -6.37 -18.52
N HIS B 42 -8.25 -5.99 -19.76
CA HIS B 42 -9.12 -5.07 -20.48
C HIS B 42 -10.43 -5.73 -20.88
N ARG B 43 -10.40 -7.03 -21.15
CA ARG B 43 -11.63 -7.82 -21.28
C ARG B 43 -12.48 -7.76 -20.02
N VAL B 44 -11.87 -7.99 -18.86
CA VAL B 44 -12.57 -7.88 -17.57
C VAL B 44 -13.09 -6.47 -17.33
N LYS B 45 -12.32 -5.46 -17.71
CA LYS B 45 -12.75 -4.06 -17.55
C LYS B 45 -13.99 -3.78 -18.41
N GLY B 46 -14.21 -4.61 -19.42
CA GLY B 46 -15.42 -4.57 -20.23
C GLY B 46 -15.17 -3.86 -21.55
N GLU B 47 -13.98 -4.06 -22.09
CA GLU B 47 -13.58 -3.45 -23.34
C GLU B 47 -13.53 -4.52 -24.40
N ARG B 48 -13.57 -4.08 -25.65
CA ARG B 48 -13.33 -4.97 -26.78
C ARG B 48 -11.83 -5.13 -26.88
N VAL B 49 -11.37 -6.37 -27.04
CA VAL B 49 -9.95 -6.67 -26.97
C VAL B 49 -9.48 -7.57 -28.10
N PHE B 50 -8.31 -7.26 -28.63
CA PHE B 50 -7.66 -8.10 -29.63
C PHE B 50 -6.19 -8.35 -29.28
N ALA B 51 -5.91 -9.55 -28.78
CA ALA B 51 -4.56 -9.94 -28.41
C ALA B 51 -3.95 -10.78 -29.54
N LEU B 52 -2.70 -10.46 -29.90
CA LEU B 52 -2.05 -11.01 -31.08
C LEU B 52 -0.68 -11.57 -30.72
N THR B 53 -0.41 -12.79 -31.16
CA THR B 53 0.91 -13.40 -31.04
C THR B 53 1.16 -14.13 -32.35
N GLY B 54 2.39 -14.59 -32.60
CA GLY B 54 2.67 -15.24 -33.87
C GLY B 54 4.08 -15.71 -34.11
N THR B 55 4.32 -16.19 -35.33
CA THR B 55 5.61 -16.74 -35.71
C THR B 55 6.21 -16.01 -36.91
N ASP B 56 7.50 -15.73 -36.79
CA ASP B 56 8.33 -15.16 -37.83
C ASP B 56 8.97 -16.36 -38.52
N GLU B 57 8.67 -16.57 -39.79
CA GLU B 57 8.92 -17.87 -40.44
C GLU B 57 9.83 -17.86 -41.67
N HIS B 58 10.26 -16.68 -42.10
CA HIS B 58 11.15 -16.56 -43.26
C HIS B 58 12.61 -16.43 -42.85
N GLY B 59 13.51 -16.49 -43.82
CA GLY B 59 14.91 -16.17 -43.59
C GLY B 59 15.85 -17.32 -43.92
N GLN B 60 17.13 -17.00 -43.96
CA GLN B 60 18.13 -17.98 -44.35
C GLN B 60 18.34 -19.04 -43.27
N LYS B 61 18.14 -18.67 -42.02
CA LYS B 61 18.33 -19.61 -40.91
C LYS B 61 17.23 -20.67 -40.83
N VAL B 62 16.00 -20.29 -41.20
CA VAL B 62 14.88 -21.23 -41.20
C VAL B 62 15.00 -22.21 -42.35
N ALA B 63 15.35 -21.68 -43.53
CA ALA B 63 15.62 -22.52 -44.69
C ALA B 63 16.75 -23.50 -44.37
N GLU B 64 17.80 -23.00 -43.73
CA GLU B 64 18.94 -23.84 -43.35
C GLU B 64 18.54 -24.91 -42.32
N ALA B 65 17.70 -24.55 -41.35
CA ALA B 65 17.21 -25.52 -40.35
C ALA B 65 16.42 -26.63 -41.01
N ALA B 66 15.51 -26.24 -41.91
CA ALA B 66 14.71 -27.20 -42.68
C ALA B 66 15.56 -28.13 -43.56
N LYS B 67 16.59 -27.60 -44.22
CA LYS B 67 17.47 -28.42 -45.09
C LYS B 67 18.21 -29.47 -44.26
N GLN B 68 18.49 -29.12 -43.00
CA GLN B 68 19.11 -30.03 -42.03
C GLN B 68 18.16 -31.17 -41.70
N LYS B 69 16.92 -30.85 -41.37
CA LYS B 69 15.90 -31.85 -41.09
C LYS B 69 15.43 -32.59 -42.35
N GLN B 70 15.86 -32.13 -43.53
CA GLN B 70 15.53 -32.73 -44.83
C GLN B 70 14.03 -32.73 -45.13
N VAL B 71 13.39 -31.61 -44.79
CA VAL B 71 11.98 -31.35 -45.08
C VAL B 71 11.91 -29.98 -45.75
N SER B 72 10.81 -29.71 -46.43
CA SER B 72 10.67 -28.43 -47.12
C SER B 72 10.43 -27.30 -46.11
N PRO B 73 10.84 -26.07 -46.44
CA PRO B 73 10.66 -25.00 -45.47
C PRO B 73 9.21 -24.76 -45.03
N TYR B 74 8.28 -24.92 -45.99
N TYR B 74 8.24 -24.95 -45.93
CA TYR B 74 6.84 -24.87 -45.79
CA TYR B 74 6.85 -24.73 -45.54
C TYR B 74 6.37 -25.84 -44.71
C TYR B 74 6.27 -25.87 -44.69
N ASP B 75 6.81 -27.09 -44.84
CA ASP B 75 6.45 -28.17 -43.90
C ASP B 75 7.04 -27.91 -42.51
N PHE B 76 8.30 -27.48 -42.52
CA PHE B 76 9.07 -27.19 -41.32
C PHE B 76 8.43 -26.07 -40.52
N THR B 77 8.10 -24.97 -41.19
CA THR B 77 7.52 -23.82 -40.53
C THR B 77 6.12 -24.12 -40.05
N THR B 78 5.37 -24.88 -40.86
CA THR B 78 4.02 -25.31 -40.46
C THR B 78 4.11 -26.15 -39.20
N ALA B 79 5.07 -27.08 -39.18
CA ALA B 79 5.28 -27.98 -38.05
C ALA B 79 5.66 -27.26 -36.75
N VAL B 80 6.51 -26.24 -36.86
CA VAL B 80 6.98 -25.52 -35.68
C VAL B 80 5.92 -24.52 -35.23
N ALA B 81 5.20 -23.94 -36.17
CA ALA B 81 4.11 -23.04 -35.82
C ALA B 81 3.09 -23.79 -34.97
N GLY B 82 2.87 -25.07 -35.31
CA GLY B 82 2.01 -25.93 -34.54
C GLY B 82 2.48 -26.12 -33.11
N GLU B 83 3.78 -26.32 -32.93
CA GLU B 83 4.34 -26.47 -31.58
C GLU B 83 4.06 -25.23 -30.74
N PHE B 84 4.25 -24.05 -31.32
CA PHE B 84 3.96 -22.80 -30.61
C PHE B 84 2.48 -22.67 -30.27
N LYS B 85 1.60 -23.09 -31.19
CA LYS B 85 0.15 -23.00 -30.93
C LYS B 85 -0.28 -23.95 -29.81
N LYS B 86 0.14 -25.20 -29.92
CA LYS B 86 -0.14 -26.22 -28.89
C LYS B 86 0.42 -25.81 -27.53
N PHE B 88 0.89 -22.65 -26.33
CA PHE B 88 0.06 -21.61 -25.75
C PHE B 88 -1.31 -22.15 -25.32
N GLU B 89 -1.77 -23.23 -25.93
CA GLU B 89 -2.97 -23.92 -25.43
C GLU B 89 -2.70 -24.63 -24.12
N GLN B 90 -1.56 -25.32 -24.01
CA GLN B 90 -1.17 -25.97 -22.75
C GLN B 90 -1.10 -24.94 -21.62
N MET B 91 -0.58 -23.75 -21.94
CA MET B 91 -0.46 -22.66 -20.99
C MET B 91 -1.78 -21.96 -20.67
N ASP B 92 -2.83 -22.29 -21.40
CA ASP B 92 -4.17 -21.80 -21.12
C ASP B 92 -4.29 -20.28 -21.30
N TYR B 93 -3.73 -19.77 -22.39
CA TYR B 93 -3.86 -18.36 -22.77
C TYR B 93 -5.17 -18.13 -23.49
N SER B 94 -5.50 -16.85 -23.69
CA SER B 94 -6.72 -16.45 -24.38
C SER B 94 -6.38 -15.39 -25.45
N ILE B 95 -5.37 -15.71 -26.25
CA ILE B 95 -4.95 -14.85 -27.37
C ILE B 95 -5.93 -15.00 -28.52
N ASP B 96 -6.34 -13.89 -29.13
CA ASP B 96 -7.37 -13.90 -30.14
C ASP B 96 -6.93 -14.42 -31.50
N TYR B 97 -5.72 -14.08 -31.93
CA TYR B 97 -5.23 -14.58 -33.22
C TYR B 97 -3.74 -14.94 -33.19
N PHE B 98 -3.41 -16.00 -33.92
CA PHE B 98 -2.04 -16.46 -34.11
C PHE B 98 -1.60 -16.18 -35.55
N ILE B 99 -0.84 -15.12 -35.77
CA ILE B 99 -0.42 -14.74 -37.13
C ILE B 99 0.86 -15.46 -37.54
N ARG B 100 0.90 -15.92 -38.77
CA ARG B 100 2.09 -16.54 -39.35
C ARG B 100 2.54 -15.68 -40.52
N THR B 101 3.83 -15.35 -40.60
CA THR B 101 4.31 -14.45 -41.67
C THR B 101 4.32 -15.11 -43.06
N THR B 102 4.08 -16.41 -43.10
CA THR B 102 3.86 -17.12 -44.36
C THR B 102 2.43 -16.96 -44.86
N ASN B 103 1.60 -16.26 -44.10
CA ASN B 103 0.21 -16.06 -44.50
C ASN B 103 0.13 -15.08 -45.64
N GLU B 104 -0.69 -15.39 -46.64
CA GLU B 104 -0.77 -14.58 -47.85
C GLU B 104 -1.23 -13.15 -47.58
N GLN B 105 -2.20 -13.00 -46.68
CA GLN B 105 -2.69 -11.68 -46.31
C GLN B 105 -1.58 -10.86 -45.64
N HIS B 106 -0.71 -11.53 -44.90
CA HIS B 106 0.46 -10.83 -44.37
C HIS B 106 1.33 -10.30 -45.52
N LYS B 107 1.61 -11.16 -46.49
CA LYS B 107 2.46 -10.78 -47.62
C LYS B 107 1.87 -9.61 -48.39
N ALA B 108 0.54 -9.57 -48.49
CA ALA B 108 -0.16 -8.48 -49.14
C ALA B 108 0.13 -7.16 -48.44
N VAL B 109 0.03 -7.16 -47.12
CA VAL B 109 0.21 -5.94 -46.33
C VAL B 109 1.65 -5.47 -46.42
N VAL B 110 2.59 -6.42 -46.38
CA VAL B 110 4.01 -6.11 -46.46
C VAL B 110 4.37 -5.42 -47.78
N LYS B 111 3.81 -5.89 -48.89
CA LYS B 111 4.03 -5.24 -50.20
C LYS B 111 3.32 -3.89 -50.28
N GLU B 112 2.14 -3.82 -49.68
CA GLU B 112 1.36 -2.60 -49.63
C GLU B 112 2.14 -1.50 -48.91
N LEU B 113 2.68 -1.87 -47.75
CA LEU B 113 3.50 -0.96 -46.93
C LEU B 113 4.84 -0.64 -47.59
N TRP B 114 5.45 -1.65 -48.20
CA TRP B 114 6.70 -1.44 -48.90
C TRP B 114 6.52 -0.41 -50.00
N THR B 115 5.54 -0.65 -50.86
CA THR B 115 5.25 0.23 -51.99
C THR B 115 5.02 1.69 -51.55
N LYS B 116 4.31 1.87 -50.43
CA LYS B 116 4.05 3.21 -49.89
C LYS B 116 5.37 3.92 -49.58
N LEU B 117 6.25 3.22 -48.87
CA LEU B 117 7.54 3.77 -48.50
C LEU B 117 8.37 4.10 -49.74
N GLU B 118 8.34 3.20 -50.74
CA GLU B 118 8.99 3.43 -52.04
C GLU B 118 8.51 4.72 -52.70
N GLN B 119 7.19 4.87 -52.86
CA GLN B 119 6.62 6.04 -53.52
C GLN B 119 6.92 7.34 -52.78
N LYS B 120 6.94 7.27 -51.45
CA LYS B 120 7.30 8.40 -50.60
C LYS B 120 8.74 8.88 -50.84
N GLY B 121 9.58 8.01 -51.39
CA GLY B 121 11.00 8.29 -51.55
C GLY B 121 11.82 7.93 -50.31
N ASP B 122 11.20 7.24 -49.35
CA ASP B 122 11.86 6.83 -48.11
C ASP B 122 12.53 5.45 -48.23
N ILE B 123 12.27 4.76 -49.35
CA ILE B 123 13.01 3.57 -49.73
C ILE B 123 13.60 3.81 -51.11
N TYR B 124 14.87 3.47 -51.28
CA TYR B 124 15.57 3.69 -52.55
C TYR B 124 16.48 2.52 -52.89
N LEU B 125 16.84 2.42 -54.16
CA LEU B 125 17.67 1.33 -54.66
C LEU B 125 19.06 1.84 -55.05
N GLY B 126 20.09 1.23 -54.46
CA GLY B 126 21.48 1.62 -54.74
C GLY B 126 22.41 0.42 -54.78
N ARG B 127 23.59 0.62 -55.38
CA ARG B 127 24.63 -0.40 -55.38
C ARG B 127 25.45 -0.24 -54.11
N TYR B 128 25.51 -1.30 -53.30
CA TYR B 128 26.37 -1.29 -52.11
C TYR B 128 27.65 -2.01 -52.44
N GLU B 129 28.79 -1.42 -52.06
CA GLU B 129 30.09 -2.09 -52.19
C GLU B 129 30.85 -2.04 -50.86
N GLY B 130 31.22 -3.21 -50.36
CA GLY B 130 31.82 -3.32 -49.04
C GLY B 130 31.77 -4.76 -48.54
N TRP B 131 32.03 -4.95 -47.25
CA TRP B 131 32.06 -6.28 -46.66
C TRP B 131 30.65 -6.69 -46.21
N TYR B 132 30.42 -8.00 -46.13
CA TYR B 132 29.16 -8.55 -45.64
C TYR B 132 29.45 -9.85 -44.93
N SER B 133 29.04 -9.94 -43.67
CA SER B 133 29.06 -11.20 -42.92
C SER B 133 27.79 -11.99 -43.24
N ILE B 134 27.94 -13.12 -43.92
CA ILE B 134 26.79 -13.90 -44.38
C ILE B 134 26.10 -14.54 -43.18
N SER B 135 26.92 -15.08 -42.27
CA SER B 135 26.46 -15.70 -41.03
C SER B 135 25.72 -14.72 -40.12
N ASP B 136 26.28 -13.51 -39.98
CA ASP B 136 25.65 -12.47 -39.15
C ASP B 136 24.53 -11.72 -39.90
N GLU B 137 24.41 -11.94 -41.20
CA GLU B 137 23.43 -11.25 -42.04
C GLU B 137 23.56 -9.72 -41.89
N SER B 138 24.81 -9.24 -41.84
CA SER B 138 25.11 -7.84 -41.53
C SER B 138 26.09 -7.24 -42.53
N PHE B 139 25.86 -5.98 -42.89
CA PHE B 139 26.85 -5.19 -43.62
C PHE B 139 27.86 -4.64 -42.61
N LEU B 140 29.14 -4.63 -42.97
CA LEU B 140 30.19 -4.21 -42.06
C LEU B 140 31.12 -3.21 -42.77
N THR B 141 31.37 -2.07 -42.12
CA THR B 141 32.29 -1.04 -42.63
C THR B 141 33.74 -1.55 -42.53
N PRO B 142 34.68 -0.88 -43.23
CA PRO B 142 36.03 -1.43 -43.28
C PRO B 142 36.85 -1.37 -41.97
N GLN B 143 36.35 -0.74 -40.92
CA GLN B 143 37.03 -0.76 -39.60
C GLN B 143 36.55 -1.89 -38.69
N ASN B 144 35.34 -2.39 -38.94
CA ASN B 144 34.78 -3.52 -38.19
C ASN B 144 35.21 -4.89 -38.74
N ILE B 145 36.32 -4.91 -39.47
CA ILE B 145 36.93 -6.15 -39.98
C ILE B 145 38.31 -6.31 -39.36
N THR B 146 38.79 -7.54 -39.30
CA THR B 146 40.14 -7.83 -38.80
C THR B 146 40.73 -9.03 -39.53
N ASP B 147 42.06 -9.10 -39.58
CA ASP B 147 42.74 -10.27 -40.13
C ASP B 147 42.42 -11.48 -39.25
N GLY B 148 41.87 -12.53 -39.86
CA GLY B 148 41.54 -13.76 -39.13
C GLY B 148 41.76 -14.99 -40.00
N VAL B 149 41.38 -16.15 -39.49
CA VAL B 149 41.47 -17.39 -40.25
C VAL B 149 40.08 -17.97 -40.47
N ASP B 150 39.76 -18.28 -41.72
CA ASP B 150 38.49 -18.92 -42.08
C ASP B 150 38.35 -20.27 -41.36
N LYS B 151 37.12 -20.78 -41.26
CA LYS B 151 36.88 -22.11 -40.69
C LYS B 151 37.66 -23.22 -41.42
N ASP B 152 37.79 -23.08 -42.75
CA ASP B 152 38.70 -23.93 -43.54
C ASP B 152 40.15 -23.44 -43.33
N GLY B 153 41.10 -24.00 -44.07
CA GLY B 153 42.51 -23.65 -43.90
C GLY B 153 42.89 -22.22 -44.29
N ASN B 154 42.40 -21.76 -45.44
CA ASN B 154 42.87 -20.50 -46.06
C ASN B 154 42.61 -19.24 -45.23
N PRO B 155 43.50 -18.22 -45.36
CA PRO B 155 43.38 -16.97 -44.59
C PRO B 155 42.48 -15.94 -45.26
N CYS B 156 41.76 -15.16 -44.45
CA CYS B 156 40.82 -14.16 -44.97
C CYS B 156 40.41 -13.16 -43.89
N LYS B 157 39.61 -12.16 -44.28
CA LYS B 157 39.08 -11.18 -43.35
C LYS B 157 37.86 -11.73 -42.60
N VAL B 158 37.71 -11.34 -41.34
CA VAL B 158 36.60 -11.80 -40.49
C VAL B 158 36.02 -10.63 -39.70
N SER B 159 34.80 -10.81 -39.22
CA SER B 159 34.09 -9.79 -38.45
C SER B 159 34.72 -9.65 -37.06
N LEU B 160 34.86 -8.40 -36.60
CA LEU B 160 35.41 -8.12 -35.29
C LEU B 160 34.46 -8.53 -34.16
N GLU B 161 33.16 -8.30 -34.36
CA GLU B 161 32.16 -8.56 -33.32
C GLU B 161 31.92 -10.06 -33.11
N SER B 162 31.61 -10.77 -34.18
CA SER B 162 31.28 -12.20 -34.10
C SER B 162 32.49 -13.11 -34.31
N GLY B 163 33.28 -12.81 -35.35
CA GLY B 163 34.42 -13.64 -35.73
C GLY B 163 34.22 -14.47 -36.99
N HIS B 164 33.03 -14.38 -37.59
CA HIS B 164 32.70 -15.14 -38.79
C HIS B 164 33.29 -14.48 -40.04
N VAL B 165 33.36 -15.23 -41.13
CA VAL B 165 33.99 -14.77 -42.38
C VAL B 165 33.14 -13.73 -43.13
N VAL B 166 33.78 -12.63 -43.51
CA VAL B 166 33.14 -11.57 -44.29
C VAL B 166 33.67 -11.58 -45.72
N THR B 167 32.75 -11.50 -46.67
CA THR B 167 33.11 -11.42 -48.09
C THR B 167 32.93 -9.99 -48.57
N TRP B 168 33.81 -9.56 -49.48
CA TRP B 168 33.58 -8.32 -50.23
C TRP B 168 32.45 -8.57 -51.21
N VAL B 169 31.50 -7.65 -51.26
CA VAL B 169 30.28 -7.83 -52.05
C VAL B 169 30.00 -6.58 -52.89
N SER B 170 29.37 -6.78 -54.03
CA SER B 170 28.91 -5.69 -54.87
C SER B 170 27.53 -6.05 -55.39
N GLU B 171 26.50 -5.53 -54.72
CA GLU B 171 25.11 -5.88 -55.02
C GLU B 171 24.21 -4.65 -54.93
N GLU B 172 23.11 -4.67 -55.66
CA GLU B 172 22.05 -3.70 -55.50
C GLU B 172 21.32 -4.05 -54.21
N ASN B 173 20.75 -3.04 -53.58
CA ASN B 173 20.20 -3.18 -52.23
C ASN B 173 19.22 -2.06 -51.94
N TYR B 174 18.16 -2.37 -51.21
CA TYR B 174 17.15 -1.37 -50.86
C TYR B 174 17.40 -0.80 -49.47
N MET B 175 17.46 0.51 -49.36
CA MET B 175 17.70 1.19 -48.08
C MET B 175 16.46 1.95 -47.65
N PHE B 176 16.14 1.87 -46.37
CA PHE B 176 15.16 2.78 -45.78
C PHE B 176 15.89 3.94 -45.13
N ARG B 177 15.57 5.17 -45.57
CA ARG B 177 16.32 6.36 -45.19
C ARG B 177 16.05 6.75 -43.74
N LEU B 178 16.54 5.94 -42.82
CA LEU B 178 16.20 6.06 -41.41
C LEU B 178 16.64 7.38 -40.79
N SER B 179 17.78 7.91 -41.24
CA SER B 179 18.33 9.15 -40.71
C SER B 179 17.42 10.37 -40.88
N ALA B 180 16.50 10.31 -41.84
CA ALA B 180 15.58 11.42 -42.09
C ALA B 180 14.47 11.53 -41.04
N PHE B 181 14.38 10.54 -40.15
CA PHE B 181 13.34 10.46 -39.14
C PHE B 181 13.84 10.71 -37.74
N ARG B 182 15.12 11.07 -37.59
CA ARG B 182 15.70 11.38 -36.30
C ARG B 182 14.89 12.45 -35.55
N GLU B 183 14.72 13.62 -36.14
CA GLU B 183 14.02 14.71 -35.46
C GLU B 183 12.58 14.32 -35.06
N ARG B 184 11.85 13.68 -35.98
CA ARG B 184 10.47 13.31 -35.69
C ARG B 184 10.34 12.22 -34.63
N LEU B 185 11.31 11.32 -34.57
CA LEU B 185 11.32 10.29 -33.53
C LEU B 185 11.55 10.95 -32.17
N LEU B 186 12.51 11.86 -32.12
CA LEU B 186 12.79 12.61 -30.89
C LEU B 186 11.59 13.45 -30.44
N GLU B 187 10.82 13.96 -31.39
CA GLU B 187 9.59 14.70 -31.07
C GLU B 187 8.58 13.77 -30.46
N TRP B 188 8.43 12.61 -31.08
CA TRP B 188 7.48 11.61 -30.62
C TRP B 188 7.80 11.13 -29.20
N TYR B 189 9.08 10.86 -28.92
CA TYR B 189 9.48 10.46 -27.57
C TYR B 189 9.21 11.55 -26.53
N HIS B 190 9.42 12.81 -26.91
N HIS B 190 9.43 12.81 -26.91
CA HIS B 190 9.27 13.92 -25.97
CA HIS B 190 9.27 13.95 -26.01
C HIS B 190 7.81 14.35 -25.80
C HIS B 190 7.81 14.30 -25.79
N ALA B 191 7.01 14.20 -26.85
CA ALA B 191 5.57 14.50 -26.77
C ALA B 191 4.79 13.41 -26.02
N ASN B 192 5.32 12.19 -26.02
CA ASN B 192 4.63 11.04 -25.41
C ASN B 192 5.53 10.36 -24.39
N PRO B 193 5.78 11.04 -23.26
CA PRO B 193 6.85 10.65 -22.33
C PRO B 193 6.65 9.32 -21.60
N GLY B 194 5.47 8.72 -21.70
CA GLY B 194 5.24 7.39 -21.15
C GLY B 194 5.13 6.28 -22.20
N CYS B 195 5.61 6.55 -23.41
CA CYS B 195 5.35 5.63 -24.52
C CYS B 195 6.34 4.47 -24.61
N ILE B 196 7.36 4.47 -23.75
CA ILE B 196 8.29 3.34 -23.62
C ILE B 196 8.50 3.07 -22.15
N VAL B 197 8.37 1.81 -21.75
CA VAL B 197 8.43 1.43 -20.35
C VAL B 197 9.33 0.21 -20.24
N PRO B 198 10.12 0.09 -19.16
CA PRO B 198 10.33 1.01 -18.06
C PRO B 198 11.13 2.23 -18.47
N GLU B 199 11.20 3.19 -17.57
CA GLU B 199 11.76 4.50 -17.86
C GLU B 199 13.20 4.46 -18.31
N PHE B 200 14.04 3.63 -17.70
CA PHE B 200 15.46 3.60 -18.08
C PHE B 200 15.68 3.04 -19.50
N ARG B 201 14.77 2.19 -19.96
CA ARG B 201 14.81 1.70 -21.34
C ARG B 201 14.39 2.81 -22.30
N ARG B 202 13.44 3.64 -21.85
CA ARG B 202 12.98 4.77 -22.65
C ARG B 202 14.12 5.73 -22.94
N ARG B 203 14.95 6.00 -21.93
CA ARG B 203 16.05 6.94 -22.05
C ARG B 203 17.21 6.41 -22.88
N GLU B 204 17.48 5.12 -22.74
CA GLU B 204 18.43 4.45 -23.61
C GLU B 204 18.10 4.71 -25.06
N VAL B 205 16.82 4.56 -25.41
CA VAL B 205 16.40 4.78 -26.78
C VAL B 205 16.61 6.23 -27.20
N ILE B 206 16.27 7.18 -26.33
CA ILE B 206 16.37 8.59 -26.69
C ILE B 206 17.83 9.02 -26.86
N ARG B 207 18.74 8.49 -26.02
CA ARG B 207 20.17 8.81 -26.16
C ARG B 207 20.67 8.31 -27.52
N ALA B 208 20.23 7.11 -27.90
CA ALA B 208 20.62 6.51 -29.17
C ALA B 208 20.22 7.40 -30.34
N VAL B 209 18.94 7.77 -30.39
CA VAL B 209 18.43 8.56 -31.50
C VAL B 209 19.03 9.97 -31.49
N GLU B 210 19.37 10.49 -30.31
CA GLU B 210 20.09 11.78 -30.22
C GLU B 210 21.47 11.72 -30.90
N LYS B 211 22.13 10.57 -30.84
CA LYS B 211 23.48 10.42 -31.43
C LYS B 211 23.52 10.35 -32.95
N GLY B 212 22.38 10.10 -33.60
CA GLY B 212 22.31 9.98 -35.06
C GLY B 212 21.79 8.60 -35.39
N LEU B 213 21.21 8.44 -36.58
CA LEU B 213 20.69 7.16 -37.05
C LEU B 213 21.22 6.85 -38.43
N PRO B 214 21.80 5.66 -38.64
CA PRO B 214 22.21 5.30 -40.00
C PRO B 214 21.01 4.80 -40.79
N ASP B 215 21.08 4.84 -42.12
CA ASP B 215 20.01 4.26 -42.95
C ASP B 215 20.00 2.75 -42.78
N LEU B 216 18.86 2.14 -43.08
CA LEU B 216 18.62 0.72 -42.77
C LEU B 216 18.34 -0.09 -44.03
N SER B 217 19.19 -1.07 -44.28
CA SER B 217 18.96 -2.05 -45.34
C SER B 217 17.73 -2.90 -45.04
N VAL B 218 16.77 -2.87 -45.96
CA VAL B 218 15.49 -3.56 -45.82
C VAL B 218 15.33 -4.68 -46.84
N SER B 219 16.41 -4.99 -47.56
CA SER B 219 16.41 -6.02 -48.61
C SER B 219 17.64 -6.89 -48.52
N ARG B 220 17.50 -8.14 -48.97
CA ARG B 220 18.66 -8.98 -49.30
C ARG B 220 18.43 -9.66 -50.64
N ALA B 221 19.51 -10.06 -51.29
CA ALA B 221 19.44 -10.83 -52.54
C ALA B 221 18.79 -12.18 -52.28
N ARG B 222 18.03 -12.68 -53.23
CA ARG B 222 17.27 -13.93 -53.01
C ARG B 222 18.17 -15.14 -52.70
N ALA B 223 19.27 -15.31 -53.42
CA ALA B 223 20.18 -16.41 -53.14
C ALA B 223 20.60 -16.43 -51.66
N THR B 224 20.86 -15.24 -51.10
CA THR B 224 21.30 -15.11 -49.71
C THR B 224 20.29 -15.71 -48.72
N LEU B 225 19.00 -15.44 -48.95
CA LEU B 225 17.90 -15.97 -48.14
C LEU B 225 17.35 -17.32 -48.64
N HIS B 226 18.11 -18.04 -49.45
CA HIS B 226 17.69 -19.35 -49.97
C HIS B 226 16.28 -19.32 -50.54
N ASN B 227 15.95 -18.17 -51.14
CA ASN B 227 14.67 -17.94 -51.78
C ASN B 227 13.46 -18.14 -50.87
N TRP B 228 13.67 -18.05 -49.56
CA TRP B 228 12.61 -18.30 -48.59
C TRP B 228 12.24 -17.01 -47.88
N ALA B 229 11.46 -16.20 -48.58
CA ALA B 229 11.06 -14.88 -48.07
C ALA B 229 10.10 -14.21 -49.08
N ILE B 230 9.63 -13.00 -48.74
CA ILE B 230 8.71 -12.25 -49.61
C ILE B 230 9.48 -11.49 -50.72
N PRO B 231 9.08 -11.65 -51.98
CA PRO B 231 9.75 -10.86 -53.02
C PRO B 231 9.45 -9.36 -52.92
N VAL B 232 10.48 -8.56 -53.14
CA VAL B 232 10.33 -7.12 -53.22
C VAL B 232 9.41 -6.79 -54.41
N PRO B 233 8.35 -5.98 -54.18
CA PRO B 233 7.40 -5.63 -55.24
C PRO B 233 8.09 -5.00 -56.43
N GLY B 234 7.85 -5.55 -57.61
CA GLY B 234 8.47 -5.06 -58.83
C GLY B 234 9.91 -5.51 -59.04
N ASN B 235 10.42 -6.39 -58.18
CA ASN B 235 11.80 -6.84 -58.29
C ASN B 235 12.04 -8.25 -57.68
N PRO B 236 11.68 -9.31 -58.42
CA PRO B 236 11.86 -10.70 -58.02
C PRO B 236 13.26 -11.09 -57.55
N ASP B 237 14.29 -10.34 -57.98
CA ASP B 237 15.68 -10.66 -57.60
C ASP B 237 16.03 -10.37 -56.14
N HIS B 238 15.21 -9.56 -55.46
CA HIS B 238 15.46 -9.20 -54.06
C HIS B 238 14.27 -9.52 -53.18
N VAL B 240 12.34 -9.10 -49.19
CA VAL B 240 12.14 -8.24 -48.04
C VAL B 240 12.76 -8.89 -46.81
N TYR B 241 13.65 -8.17 -46.14
CA TYR B 241 14.36 -8.68 -44.97
C TYR B 241 13.48 -8.50 -43.73
N VAL B 242 13.97 -8.96 -42.58
CA VAL B 242 13.20 -9.05 -41.36
C VAL B 242 12.40 -7.80 -40.96
N TRP B 243 12.97 -6.61 -41.19
CA TRP B 243 12.41 -5.41 -40.57
C TRP B 243 10.99 -5.17 -41.06
N LEU B 244 10.81 -5.04 -42.36
CA LEU B 244 9.46 -4.81 -42.92
C LEU B 244 8.62 -6.07 -43.08
N ASP B 245 9.23 -7.23 -42.81
CA ASP B 245 8.50 -8.50 -42.82
C ASP B 245 7.87 -8.77 -41.44
N ALA B 246 8.71 -8.87 -40.42
CA ALA B 246 8.26 -9.21 -39.07
C ALA B 246 7.47 -8.09 -38.43
N LEU B 247 8.07 -6.91 -38.31
CA LEU B 247 7.39 -5.78 -37.65
C LEU B 247 5.99 -5.53 -38.22
N THR B 248 5.81 -5.75 -39.51
CA THR B 248 4.54 -5.48 -40.18
C THR B 248 3.39 -6.42 -39.74
N ASN B 249 3.72 -7.53 -39.09
CA ASN B 249 2.70 -8.46 -38.58
C ASN B 249 1.61 -7.73 -37.79
N TYR B 250 2.03 -6.73 -37.03
CA TYR B 250 1.12 -5.95 -36.20
C TYR B 250 0.09 -5.22 -37.03
N LEU B 251 0.51 -4.74 -38.19
CA LEU B 251 -0.40 -4.08 -39.10
C LEU B 251 -1.39 -5.10 -39.67
N THR B 252 -0.87 -6.19 -40.19
CA THR B 252 -1.69 -7.21 -40.81
C THR B 252 -2.76 -7.69 -39.83
N GLY B 253 -2.32 -8.04 -38.62
CA GLY B 253 -3.25 -8.48 -37.58
C GLY B 253 -4.36 -7.49 -37.34
N SER B 254 -4.04 -6.20 -37.42
CA SER B 254 -5.00 -5.13 -37.12
C SER B 254 -6.10 -5.04 -38.17
N ARG B 255 -5.89 -5.72 -39.28
CA ARG B 255 -6.77 -5.66 -40.44
C ARG B 255 -7.43 -7.00 -40.78
N LEU B 256 -7.31 -7.99 -39.89
CA LEU B 256 -7.87 -9.32 -40.15
C LEU B 256 -9.19 -9.56 -39.43
N ARG B 257 -10.25 -9.87 -40.17
CA ARG B 257 -11.47 -10.40 -39.58
C ARG B 257 -11.21 -11.86 -39.24
N VAL B 258 -11.50 -12.23 -38.00
CA VAL B 258 -11.22 -13.58 -37.53
C VAL B 258 -12.53 -14.25 -37.17
N ASP B 259 -12.68 -15.52 -37.52
CA ASP B 259 -13.94 -16.25 -37.24
C ASP B 259 -13.94 -16.95 -35.88
N GLU B 260 -15.00 -17.72 -35.62
CA GLU B 260 -15.25 -18.35 -34.32
C GLU B 260 -14.13 -19.32 -33.85
N SER B 261 -13.39 -19.88 -34.80
CA SER B 261 -12.33 -20.84 -34.51
C SER B 261 -10.91 -20.28 -34.70
N GLY B 262 -10.77 -18.95 -34.67
CA GLY B 262 -9.45 -18.31 -34.77
C GLY B 262 -8.81 -18.29 -36.16
N LYS B 263 -9.57 -18.67 -37.19
CA LYS B 263 -9.08 -18.74 -38.57
C LYS B 263 -9.30 -17.40 -39.29
N GLU B 264 -8.27 -16.90 -39.98
CA GLU B 264 -8.37 -15.65 -40.73
C GLU B 264 -9.29 -15.73 -41.95
N VAL B 265 -10.21 -14.79 -42.04
CA VAL B 265 -11.31 -14.85 -43.01
C VAL B 265 -11.23 -13.73 -44.06
N SER B 266 -10.73 -12.56 -43.69
CA SER B 266 -10.71 -11.45 -44.62
C SER B 266 -9.68 -10.40 -44.24
N LEU B 267 -9.03 -9.83 -45.25
CA LEU B 267 -8.15 -8.67 -45.05
C LEU B 267 -8.91 -7.39 -45.44
N VAL B 268 -9.36 -6.70 -44.40
CA VAL B 268 -9.90 -5.34 -44.52
C VAL B 268 -8.91 -4.38 -45.21
N ASP B 269 -9.44 -3.51 -46.11
CA ASP B 269 -8.62 -2.51 -46.80
C ASP B 269 -8.13 -1.40 -45.87
N ASP B 270 -9.05 -0.86 -45.09
CA ASP B 270 -8.79 0.28 -44.20
C ASP B 270 -8.72 -0.15 -42.72
N PHE B 271 -7.53 -0.05 -42.12
CA PHE B 271 -7.33 -0.48 -40.72
C PHE B 271 -8.35 0.07 -39.74
N ASN B 272 -8.89 1.26 -40.01
CA ASN B 272 -9.86 1.88 -39.08
C ASN B 272 -11.15 1.10 -38.88
N GLU B 273 -11.50 0.24 -39.84
CA GLU B 273 -12.77 -0.49 -39.82
C GLU B 273 -12.89 -1.48 -38.65
N LEU B 274 -11.75 -2.05 -38.23
CA LEU B 274 -11.70 -2.99 -37.12
C LEU B 274 -11.25 -2.34 -35.81
N GLU B 275 -10.81 -1.09 -35.92
CA GLU B 275 -10.53 -0.21 -34.77
C GLU B 275 -9.43 -0.71 -33.85
N ARG B 276 -8.45 -1.43 -34.40
CA ARG B 276 -7.37 -2.01 -33.61
C ARG B 276 -6.08 -1.20 -33.73
N PHE B 277 -5.71 -0.84 -34.95
CA PHE B 277 -4.46 -0.11 -35.16
C PHE B 277 -4.62 1.35 -34.69
N PRO B 278 -3.60 1.87 -33.98
CA PRO B 278 -2.33 1.24 -33.63
C PRO B 278 -2.42 0.47 -32.31
N ALA B 279 -1.39 -0.35 -32.05
CA ALA B 279 -1.33 -1.12 -30.81
C ALA B 279 -1.33 -0.18 -29.63
N ASP B 280 -2.20 -0.46 -28.67
CA ASP B 280 -2.18 0.24 -27.40
C ASP B 280 -0.99 -0.21 -26.54
N VAL B 281 -0.54 -1.45 -26.75
CA VAL B 281 0.58 -2.02 -25.99
C VAL B 281 1.33 -3.06 -26.82
N HIS B 282 2.61 -2.79 -27.08
CA HIS B 282 3.51 -3.78 -27.64
C HIS B 282 4.37 -4.35 -26.55
N VAL B 283 4.19 -5.63 -26.23
CA VAL B 283 5.08 -6.31 -25.30
C VAL B 283 6.27 -6.86 -26.08
N ILE B 284 7.48 -6.60 -25.57
CA ILE B 284 8.71 -7.13 -26.16
C ILE B 284 9.73 -7.45 -25.08
N GLY B 285 10.77 -8.19 -25.46
CA GLY B 285 11.96 -8.34 -24.64
C GLY B 285 12.82 -7.11 -24.87
N LYS B 286 13.79 -6.89 -23.98
CA LYS B 286 14.68 -5.75 -24.08
C LYS B 286 15.53 -5.79 -25.34
N ASP B 287 15.73 -6.99 -25.88
CA ASP B 287 16.63 -7.24 -27.02
C ASP B 287 16.11 -6.80 -28.39
N ILE B 288 14.83 -6.44 -28.48
CA ILE B 288 14.25 -5.95 -29.75
C ILE B 288 13.59 -4.57 -29.56
N LEU B 289 14.03 -3.85 -28.54
CA LEU B 289 13.51 -2.53 -28.22
C LEU B 289 13.88 -1.54 -29.30
N LYS B 290 15.13 -1.58 -29.73
CA LYS B 290 15.61 -0.70 -30.79
C LYS B 290 14.69 -0.85 -32.00
N PHE B 291 14.43 -2.09 -32.39
CA PHE B 291 13.63 -2.35 -33.58
C PHE B 291 12.20 -1.85 -33.43
N HIS B 292 11.61 -1.99 -32.24
CA HIS B 292 10.23 -1.54 -31.99
C HIS B 292 10.11 -0.05 -31.69
N ALA B 293 11.08 0.53 -31.00
CA ALA B 293 11.01 1.94 -30.61
C ALA B 293 11.61 2.90 -31.64
N ILE B 294 12.45 2.38 -32.55
CA ILE B 294 13.10 3.24 -33.55
C ILE B 294 12.62 2.91 -34.96
N TYR B 295 12.82 1.68 -35.43
CA TYR B 295 12.51 1.32 -36.82
C TYR B 295 11.02 1.35 -37.11
N TRP B 296 10.27 0.60 -36.32
CA TRP B 296 8.83 0.42 -36.48
C TRP B 296 8.11 1.78 -36.55
N PRO B 297 8.34 2.69 -35.59
CA PRO B 297 7.73 4.02 -35.71
C PRO B 297 8.18 4.83 -36.94
N ALA B 298 9.44 4.70 -37.35
CA ALA B 298 9.92 5.38 -38.54
C ALA B 298 9.16 4.90 -39.77
N PHE B 299 8.93 3.59 -39.84
CA PHE B 299 8.16 3.01 -40.93
C PHE B 299 6.73 3.58 -40.95
N LEU B 300 6.11 3.67 -39.77
CA LEU B 300 4.74 4.16 -39.64
C LEU B 300 4.62 5.64 -40.00
N LEU B 301 5.62 6.43 -39.60
CA LEU B 301 5.67 7.85 -39.96
C LEU B 301 5.77 8.05 -41.47
N SER B 302 6.59 7.23 -42.11
CA SER B 302 6.73 7.27 -43.56
C SER B 302 5.39 7.00 -44.22
N ALA B 303 4.74 5.93 -43.79
CA ALA B 303 3.43 5.56 -44.33
C ALA B 303 2.31 6.52 -43.91
N GLY B 304 2.57 7.30 -42.86
CA GLY B 304 1.57 8.23 -42.36
C GLY B 304 0.52 7.53 -41.56
N LEU B 305 0.88 6.37 -41.00
CA LEU B 305 0.00 5.60 -40.13
C LEU B 305 0.22 6.03 -38.68
N PRO B 306 -0.78 5.79 -37.82
CA PRO B 306 -0.62 6.19 -36.42
C PRO B 306 0.40 5.34 -35.67
N LEU B 307 1.04 5.95 -34.67
CA LEU B 307 2.07 5.30 -33.89
C LEU B 307 1.45 4.63 -32.65
N PRO B 308 2.07 3.55 -32.17
CA PRO B 308 1.57 2.82 -31.00
C PRO B 308 1.65 3.67 -29.74
N LYS B 309 0.80 3.41 -28.76
CA LYS B 309 0.75 4.26 -27.56
C LYS B 309 1.86 3.96 -26.59
N LYS B 310 2.13 2.67 -26.39
CA LYS B 310 3.11 2.21 -25.42
C LYS B 310 3.88 0.99 -25.95
N ILE B 311 5.16 0.92 -25.56
CA ILE B 311 5.98 -0.26 -25.79
C ILE B 311 6.61 -0.61 -24.47
N VAL B 312 6.39 -1.83 -24.00
CA VAL B 312 6.95 -2.29 -22.74
C VAL B 312 7.96 -3.38 -23.03
N ALA B 313 9.16 -3.23 -22.46
CA ALA B 313 10.28 -4.12 -22.73
C ALA B 313 10.74 -4.75 -21.42
N HIS B 314 10.69 -6.07 -21.37
CA HIS B 314 10.96 -6.82 -20.12
C HIS B 314 12.35 -7.43 -20.12
N GLY B 315 12.74 -7.99 -18.98
CA GLY B 315 14.04 -8.63 -18.83
C GLY B 315 14.08 -10.07 -19.32
N TRP B 316 15.18 -10.74 -18.97
CA TRP B 316 15.48 -12.09 -19.43
C TRP B 316 15.65 -12.98 -18.22
N TRP B 317 14.96 -14.11 -18.19
CA TRP B 317 14.97 -14.99 -17.01
C TRP B 317 16.24 -15.80 -16.78
N THR B 318 16.40 -16.28 -15.55
CA THR B 318 17.43 -17.25 -15.19
C THR B 318 16.82 -18.29 -14.25
N LYS B 319 17.48 -19.43 -14.13
CA LYS B 319 17.02 -20.52 -13.26
C LYS B 319 18.19 -20.86 -12.33
N ASP B 320 18.01 -20.59 -11.04
CA ASP B 320 19.07 -20.78 -10.02
C ASP B 320 20.31 -19.90 -10.26
N ARG B 321 20.06 -18.62 -10.60
CA ARG B 321 21.11 -17.62 -10.84
C ARG B 321 22.14 -18.01 -11.93
N LYS B 322 21.78 -19.00 -12.75
CA LYS B 322 22.59 -19.42 -13.89
C LYS B 322 21.78 -19.26 -15.17
N LYS B 323 22.48 -19.22 -16.30
CA LYS B 323 21.87 -19.03 -17.62
C LYS B 323 21.05 -20.27 -17.99
N ILE B 324 19.75 -20.07 -18.21
CA ILE B 324 18.87 -21.16 -18.67
C ILE B 324 19.42 -21.69 -19.98
N SER B 325 19.84 -22.95 -20.00
CA SER B 325 20.66 -23.47 -21.08
C SER B 325 20.25 -24.88 -21.55
N LYS B 326 20.56 -25.15 -22.81
CA LYS B 326 20.24 -26.43 -23.45
C LYS B 326 21.15 -27.50 -22.84
N SER B 327 22.45 -27.39 -23.10
CA SER B 327 23.48 -28.09 -22.34
C SER B 327 23.72 -27.27 -21.06
N LEU B 328 24.86 -27.49 -20.38
CA LEU B 328 25.16 -26.81 -19.10
C LEU B 328 24.10 -27.08 -18.03
N GLY B 329 23.41 -28.21 -18.14
CA GLY B 329 22.23 -28.50 -17.31
C GLY B 329 21.25 -27.34 -17.32
N ASN B 330 20.51 -27.21 -16.24
CA ASN B 330 19.70 -26.02 -16.01
C ASN B 330 18.65 -25.72 -17.11
N VAL B 331 17.67 -26.62 -17.22
CA VAL B 331 16.53 -26.43 -18.10
C VAL B 331 15.39 -25.83 -17.29
N PHE B 332 14.67 -24.87 -17.87
CA PHE B 332 13.46 -24.33 -17.24
C PHE B 332 12.26 -24.50 -18.16
N ASP B 333 11.47 -25.54 -17.89
CA ASP B 333 10.34 -25.97 -18.71
C ASP B 333 9.03 -25.55 -18.03
N PRO B 334 8.37 -24.52 -18.55
CA PRO B 334 7.18 -24.00 -17.84
C PRO B 334 5.97 -24.94 -17.81
N VAL B 335 5.83 -25.83 -18.79
CA VAL B 335 4.72 -26.79 -18.75
C VAL B 335 4.99 -27.77 -17.62
N GLU B 336 6.24 -28.19 -17.47
CA GLU B 336 6.64 -29.12 -16.41
C GLU B 336 6.35 -28.51 -15.04
N LYS B 337 6.77 -27.26 -14.83
CA LYS B 337 6.57 -26.61 -13.54
C LYS B 337 5.09 -26.34 -13.27
N ALA B 338 4.34 -26.02 -14.32
CA ALA B 338 2.90 -25.81 -14.19
C ALA B 338 2.17 -27.09 -13.76
N GLU B 339 2.64 -28.22 -14.26
CA GLU B 339 2.08 -29.52 -13.90
C GLU B 339 2.40 -29.85 -12.44
N GLU B 340 3.55 -29.38 -11.95
CA GLU B 340 3.95 -29.64 -10.57
C GLU B 340 3.32 -28.67 -9.57
N PHE B 341 3.31 -27.38 -9.88
CA PHE B 341 2.88 -26.33 -8.93
C PHE B 341 1.54 -25.67 -9.27
N GLY B 342 0.95 -26.04 -10.41
CA GLY B 342 -0.27 -25.40 -10.89
C GLY B 342 -0.01 -24.33 -11.95
N TYR B 343 -0.98 -24.13 -12.83
CA TYR B 343 -0.85 -23.17 -13.93
C TYR B 343 -0.95 -21.71 -13.48
N ASP B 344 -2.06 -21.36 -12.85
CA ASP B 344 -2.24 -20.01 -12.32
C ASP B 344 -1.12 -19.67 -11.33
N ALA B 345 -0.77 -20.63 -10.47
CA ALA B 345 0.29 -20.43 -9.49
C ALA B 345 1.60 -20.06 -10.18
N LEU B 346 1.95 -20.78 -11.24
CA LEU B 346 3.17 -20.47 -11.99
C LEU B 346 3.09 -19.10 -12.65
N LYS B 347 1.94 -18.80 -13.25
CA LYS B 347 1.74 -17.51 -13.90
C LYS B 347 1.86 -16.37 -12.89
N TYR B 348 1.30 -16.58 -11.71
CA TYR B 348 1.42 -15.62 -10.62
C TYR B 348 2.87 -15.35 -10.30
N PHE B 349 3.68 -16.41 -10.21
CA PHE B 349 5.06 -16.28 -9.81
C PHE B 349 5.87 -15.42 -10.77
N LEU B 350 5.82 -15.78 -12.05
CA LEU B 350 6.60 -15.08 -13.08
C LEU B 350 6.29 -13.57 -13.10
N LEU B 351 5.02 -13.24 -12.90
CA LEU B 351 4.58 -11.86 -12.93
C LEU B 351 4.88 -11.12 -11.63
N ARG B 352 4.87 -11.85 -10.52
CA ARG B 352 5.09 -11.23 -9.20
C ARG B 352 6.57 -11.18 -8.85
N GLU B 353 7.32 -12.19 -9.25
CA GLU B 353 8.71 -12.34 -8.82
C GLU B 353 9.60 -11.23 -9.37
N SER B 354 9.36 -10.80 -10.60
CA SER B 354 10.21 -9.78 -11.19
C SER B 354 9.45 -8.79 -12.04
N GLY B 355 9.95 -7.56 -12.03
CA GLY B 355 9.41 -6.51 -12.86
C GLY B 355 10.03 -6.53 -14.25
N PHE B 356 9.63 -5.57 -15.06
CA PHE B 356 10.14 -5.43 -16.42
C PHE B 356 11.54 -4.83 -16.40
N SER B 357 11.84 -4.09 -15.33
CA SER B 357 13.19 -3.53 -15.11
C SER B 357 14.24 -4.61 -14.90
N ASP B 358 13.81 -5.70 -14.27
CA ASP B 358 14.73 -6.69 -13.72
C ASP B 358 14.77 -7.95 -14.57
N ASP B 359 15.95 -8.56 -14.64
CA ASP B 359 16.10 -9.92 -15.13
C ASP B 359 15.75 -10.88 -13.98
N GLY B 360 14.56 -11.49 -14.07
CA GLY B 360 14.05 -12.36 -13.01
C GLY B 360 14.88 -13.62 -12.75
N ASP B 361 14.65 -14.23 -11.58
CA ASP B 361 15.30 -15.50 -11.18
C ASP B 361 14.29 -16.49 -10.58
N TYR B 362 14.09 -17.60 -11.30
CA TYR B 362 13.26 -18.70 -10.81
C TYR B 362 14.04 -19.58 -9.83
N SER B 363 13.29 -20.24 -8.95
CA SER B 363 13.82 -21.21 -8.02
C SER B 363 12.64 -21.99 -7.43
N ASP B 364 12.81 -23.30 -7.28
CA ASP B 364 11.81 -24.13 -6.64
C ASP B 364 11.54 -23.64 -5.22
N LYS B 365 12.60 -23.22 -4.55
CA LYS B 365 12.53 -22.63 -3.22
C LYS B 365 11.61 -21.40 -3.20
N ASN B 366 11.89 -20.44 -4.07
CA ASN B 366 11.09 -19.21 -4.15
C ASN B 366 9.66 -19.43 -4.64
N MET B 367 9.52 -20.31 -5.63
CA MET B 367 8.23 -20.66 -6.20
C MET B 367 7.30 -21.15 -5.10
N ILE B 368 7.79 -22.11 -4.32
CA ILE B 368 7.08 -22.63 -3.17
C ILE B 368 6.79 -21.55 -2.12
N ALA B 369 7.79 -20.72 -1.83
CA ALA B 369 7.66 -19.67 -0.83
C ALA B 369 6.47 -18.73 -1.13
N ARG B 370 6.36 -18.29 -2.38
CA ARG B 370 5.26 -17.41 -2.80
C ARG B 370 3.92 -18.16 -2.87
N LEU B 371 3.98 -19.43 -3.28
CA LEU B 371 2.80 -20.28 -3.32
C LEU B 371 2.16 -20.42 -1.92
N ASN B 372 2.99 -20.76 -0.94
CA ASN B 372 2.53 -20.96 0.44
C ASN B 372 2.19 -19.66 1.15
N GLY B 373 3.05 -18.66 1.05
CA GLY B 373 2.92 -17.43 1.81
C GLY B 373 1.87 -16.47 1.29
N GLU B 374 1.72 -16.41 -0.03
CA GLU B 374 0.85 -15.42 -0.66
C GLU B 374 -0.42 -16.06 -1.18
N LEU B 375 -0.28 -17.12 -1.99
CA LEU B 375 -1.44 -17.76 -2.60
C LEU B 375 -2.28 -18.58 -1.63
N ALA B 376 -1.63 -19.38 -0.79
CA ALA B 376 -2.34 -20.21 0.19
C ALA B 376 -2.64 -19.45 1.50
N ASP B 377 -1.59 -18.93 2.14
CA ASP B 377 -1.71 -18.28 3.45
C ASP B 377 -2.50 -16.97 3.43
N THR B 378 -2.35 -16.17 2.38
CA THR B 378 -3.07 -14.90 2.32
C THR B 378 -4.38 -15.03 1.56
N LEU B 379 -4.31 -15.37 0.27
CA LEU B 379 -5.50 -15.44 -0.56
C LEU B 379 -6.42 -16.59 -0.16
N GLY B 380 -5.90 -17.81 -0.24
CA GLY B 380 -6.71 -19.01 -0.04
C GLY B 380 -7.28 -19.16 1.35
N ASN B 381 -6.46 -18.91 2.35
CA ASN B 381 -6.89 -18.96 3.76
C ASN B 381 -8.07 -18.02 4.00
N LEU B 382 -7.99 -16.82 3.43
CA LEU B 382 -9.05 -15.83 3.55
C LEU B 382 -10.36 -16.32 2.90
N VAL B 383 -10.25 -16.96 1.74
CA VAL B 383 -11.44 -17.46 1.06
C VAL B 383 -12.19 -18.49 1.90
N MET B 384 -11.45 -19.36 2.60
CA MET B 384 -12.05 -20.37 3.47
C MET B 384 -12.74 -19.71 4.66
N ARG B 385 -12.08 -18.73 5.28
CA ARG B 385 -12.63 -18.06 6.46
C ARG B 385 -14.00 -17.43 6.23
N CYS B 386 -14.19 -16.79 5.08
CA CYS B 386 -15.48 -16.14 4.80
C CYS B 386 -16.54 -17.10 4.20
N THR B 387 -16.12 -18.27 3.72
CA THR B 387 -17.04 -19.27 3.16
C THR B 387 -17.32 -20.42 4.12
N SER B 388 -16.52 -20.51 5.19
CA SER B 388 -16.61 -21.58 6.18
C SER B 388 -18.02 -21.78 6.74
N ALA B 389 -18.41 -23.04 6.88
CA ALA B 389 -19.70 -23.39 7.51
C ALA B 389 -19.78 -22.93 8.97
N LYS B 390 -18.63 -22.87 9.62
CA LYS B 390 -18.55 -22.52 11.04
C LYS B 390 -18.67 -21.01 11.29
N ILE B 391 -18.16 -20.21 10.36
CA ILE B 391 -18.20 -18.75 10.47
C ILE B 391 -19.41 -18.19 9.73
N ASN B 392 -19.59 -18.62 8.50
CA ASN B 392 -20.74 -18.21 7.68
C ASN B 392 -21.82 -19.32 7.71
N VAL B 393 -22.56 -19.38 8.82
CA VAL B 393 -23.47 -20.48 9.04
C VAL B 393 -24.64 -20.51 8.07
N ASN B 394 -25.10 -19.34 7.64
CA ASN B 394 -26.23 -19.25 6.71
C ASN B 394 -25.86 -19.48 5.24
N GLY B 395 -24.57 -19.59 4.96
CA GLY B 395 -24.07 -19.82 3.61
C GLY B 395 -24.57 -18.76 2.64
N GLU B 396 -24.35 -17.50 3.01
CA GLU B 396 -24.87 -16.38 2.24
C GLU B 396 -24.09 -15.10 2.52
N TRP B 397 -24.27 -14.12 1.63
CA TRP B 397 -23.80 -12.77 1.84
C TRP B 397 -24.75 -12.09 2.83
N PRO B 398 -24.23 -11.65 4.00
CA PRO B 398 -25.14 -11.03 4.98
C PRO B 398 -25.37 -9.54 4.75
N SER B 399 -26.22 -8.97 5.58
CA SER B 399 -26.60 -7.57 5.48
C SER B 399 -25.91 -6.81 6.62
N PRO B 400 -24.97 -5.91 6.29
CA PRO B 400 -24.17 -5.27 7.34
C PRO B 400 -24.97 -4.40 8.29
N ALA B 401 -24.52 -4.32 9.55
CA ALA B 401 -25.07 -3.38 10.52
C ALA B 401 -24.26 -2.07 10.46
N ALA B 402 -24.11 -1.39 11.60
CA ALA B 402 -23.32 -0.16 11.65
C ALA B 402 -21.86 -0.45 11.33
N TYR B 403 -21.19 0.51 10.70
CA TYR B 403 -19.76 0.43 10.44
C TYR B 403 -18.96 1.20 11.52
N THR B 404 -17.97 0.55 12.11
CA THR B 404 -16.99 1.23 12.96
C THR B 404 -16.05 2.02 12.06
N GLU B 405 -15.10 2.74 12.64
CA GLU B 405 -14.09 3.41 11.84
C GLU B 405 -13.14 2.38 11.23
N GLU B 406 -12.90 1.27 11.92
CA GLU B 406 -12.04 0.24 11.33
C GLU B 406 -12.71 -0.36 10.08
N ASP B 407 -13.98 -0.72 10.20
CA ASP B 407 -14.78 -1.12 9.04
C ASP B 407 -14.62 -0.12 7.88
N GLU B 408 -14.72 1.17 8.18
CA GLU B 408 -14.56 2.21 7.16
C GLU B 408 -13.14 2.27 6.58
N SER B 409 -12.14 2.04 7.42
CA SER B 409 -10.75 2.09 6.98
C SER B 409 -10.49 1.01 5.94
N LEU B 410 -11.02 -0.17 6.17
CA LEU B 410 -10.82 -1.30 5.26
C LEU B 410 -11.67 -1.16 4.00
N ILE B 411 -12.86 -0.59 4.16
CA ILE B 411 -13.76 -0.38 3.03
C ILE B 411 -13.15 0.63 2.09
N GLN B 412 -12.50 1.64 2.64
CA GLN B 412 -11.82 2.65 1.84
C GLN B 412 -10.76 2.02 0.94
N LEU B 413 -9.97 1.11 1.51
CA LEU B 413 -8.93 0.43 0.76
C LEU B 413 -9.55 -0.32 -0.42
N ILE B 414 -10.64 -1.01 -0.17
CA ILE B 414 -11.32 -1.81 -1.20
C ILE B 414 -11.85 -0.92 -2.33
N LYS B 415 -12.44 0.22 -1.97
CA LYS B 415 -12.92 1.18 -2.97
C LYS B 415 -11.79 1.79 -3.79
N ASP B 416 -10.66 2.03 -3.14
CA ASP B 416 -9.52 2.68 -3.77
C ASP B 416 -8.75 1.72 -4.67
N LEU B 417 -8.89 0.42 -4.45
CA LEU B 417 -8.05 -0.55 -5.15
C LEU B 417 -8.20 -0.51 -6.66
N PRO B 418 -9.43 -0.57 -7.17
CA PRO B 418 -9.59 -0.60 -8.62
C PRO B 418 -8.89 0.54 -9.34
N GLY B 419 -8.91 1.74 -8.76
CA GLY B 419 -8.24 2.89 -9.36
C GLY B 419 -6.73 2.75 -9.41
N THR B 420 -6.12 2.34 -8.30
CA THR B 420 -4.66 2.17 -8.28
C THR B 420 -4.27 1.00 -9.18
N ALA B 421 -5.03 -0.10 -9.07
CA ALA B 421 -4.79 -1.27 -9.91
C ALA B 421 -4.92 -0.93 -11.38
N ASP B 422 -5.94 -0.16 -11.74
CA ASP B 422 -6.13 0.21 -13.15
C ASP B 422 -4.96 1.00 -13.72
N HIS B 423 -4.39 1.90 -12.92
CA HIS B 423 -3.21 2.67 -13.35
C HIS B 423 -2.01 1.77 -13.58
N TYR B 424 -1.79 0.82 -12.68
CA TYR B 424 -0.63 -0.06 -12.77
C TYR B 424 -0.77 -0.95 -13.99
N TYR B 425 -1.96 -1.51 -14.17
CA TYR B 425 -2.26 -2.31 -15.36
C TYR B 425 -2.04 -1.52 -16.64
N LEU B 426 -2.29 -0.22 -16.60
CA LEU B 426 -2.18 0.61 -17.81
C LEU B 426 -0.78 1.11 -18.15
N ILE B 427 0.13 1.09 -17.18
CA ILE B 427 1.49 1.61 -17.37
C ILE B 427 2.22 0.99 -18.56
N PRO B 428 2.26 -0.36 -18.64
CA PRO B 428 1.80 -1.39 -17.72
C PRO B 428 2.86 -1.81 -16.70
N ASP B 429 2.40 -2.28 -15.54
CA ASP B 429 3.30 -2.77 -14.48
C ASP B 429 2.49 -3.74 -13.62
N ILE B 430 2.51 -4.99 -14.06
CA ILE B 430 1.67 -6.03 -13.51
C ILE B 430 2.17 -6.49 -12.15
N GLN B 431 3.48 -6.37 -11.93
CA GLN B 431 4.04 -6.65 -10.61
C GLN B 431 3.40 -5.74 -9.57
N LYS B 432 3.34 -4.45 -9.85
CA LYS B 432 2.70 -3.50 -8.94
C LYS B 432 1.19 -3.73 -8.79
N ALA B 433 0.50 -4.01 -9.89
CA ALA B 433 -0.93 -4.28 -9.79
C ALA B 433 -1.16 -5.43 -8.82
N ILE B 434 -0.36 -6.50 -8.96
CA ILE B 434 -0.44 -7.63 -8.04
C ILE B 434 -0.15 -7.20 -6.59
N ILE B 435 0.97 -6.53 -6.36
CA ILE B 435 1.36 -6.07 -5.03
C ILE B 435 0.28 -5.19 -4.41
N ALA B 436 -0.36 -4.35 -5.21
CA ALA B 436 -1.41 -3.46 -4.70
C ALA B 436 -2.61 -4.28 -4.26
N VAL B 437 -2.98 -5.27 -5.05
CA VAL B 437 -4.09 -6.12 -4.68
C VAL B 437 -3.78 -6.87 -3.39
N PHE B 438 -2.57 -7.41 -3.29
CA PHE B 438 -2.21 -8.21 -2.13
C PHE B 438 -2.07 -7.36 -0.88
N ASP B 439 -1.68 -6.10 -1.02
CA ASP B 439 -1.72 -5.16 0.09
C ASP B 439 -3.13 -5.12 0.70
N VAL B 440 -4.15 -5.05 -0.14
CA VAL B 440 -5.52 -5.07 0.33
C VAL B 440 -5.87 -6.43 0.90
N LEU B 441 -5.41 -7.50 0.29
CA LEU B 441 -5.64 -8.82 0.87
C LEU B 441 -5.04 -8.93 2.27
N ARG B 442 -3.79 -8.52 2.43
CA ARG B 442 -3.16 -8.54 3.76
C ARG B 442 -3.98 -7.77 4.79
N ALA B 443 -4.56 -6.64 4.39
CA ALA B 443 -5.38 -5.81 5.29
C ALA B 443 -6.68 -6.52 5.72
N ILE B 444 -7.32 -7.20 4.78
CA ILE B 444 -8.56 -7.90 5.06
C ILE B 444 -8.28 -9.08 5.99
N ASN B 445 -7.15 -9.73 5.80
CA ASN B 445 -6.73 -10.81 6.70
C ASN B 445 -6.40 -10.28 8.11
N ALA B 446 -5.81 -9.10 8.18
CA ALA B 446 -5.56 -8.43 9.46
C ALA B 446 -6.88 -8.09 10.15
N TYR B 447 -7.78 -7.46 9.40
CA TYR B 447 -9.13 -7.15 9.88
C TYR B 447 -9.80 -8.39 10.47
N VAL B 448 -9.84 -9.46 9.69
CA VAL B 448 -10.48 -10.70 10.14
C VAL B 448 -9.85 -11.21 11.43
N THR B 449 -8.53 -11.17 11.51
CA THR B 449 -7.86 -11.60 12.75
C THR B 449 -8.26 -10.71 13.94
N ASP B 450 -8.35 -9.41 13.74
CA ASP B 450 -8.73 -8.47 14.81
C ASP B 450 -10.18 -8.62 15.24
N MET B 451 -11.08 -8.94 14.30
CA MET B 451 -12.50 -9.08 14.61
C MET B 451 -12.86 -10.45 15.14
N ALA B 452 -12.06 -11.45 14.74
CA ALA B 452 -12.24 -12.82 15.20
C ALA B 452 -13.71 -13.28 15.04
N PRO B 453 -14.20 -13.29 13.78
CA PRO B 453 -15.62 -13.58 13.53
C PRO B 453 -16.08 -14.96 14.02
N TRP B 454 -15.16 -15.92 14.09
CA TRP B 454 -15.44 -17.25 14.63
C TRP B 454 -15.97 -17.21 16.07
N LYS B 455 -15.46 -16.27 16.87
CA LYS B 455 -15.96 -16.02 18.22
C LYS B 455 -17.29 -15.24 18.21
N LEU B 456 -17.43 -14.34 17.23
CA LEU B 456 -18.62 -13.52 17.09
C LEU B 456 -19.91 -14.31 16.82
N VAL B 457 -19.78 -15.51 16.24
CA VAL B 457 -20.97 -16.30 15.89
C VAL B 457 -21.87 -16.52 17.10
N LYS B 458 -21.27 -16.76 18.26
CA LYS B 458 -22.00 -16.91 19.53
C LYS B 458 -22.25 -15.58 20.22
N THR B 459 -21.22 -14.75 20.30
CA THR B 459 -21.25 -13.54 21.13
C THR B 459 -21.98 -12.33 20.51
N ASP B 460 -22.02 -12.23 19.18
CA ASP B 460 -22.61 -11.04 18.55
C ASP B 460 -22.96 -11.26 17.08
N PRO B 461 -24.14 -11.83 16.79
CA PRO B 461 -24.54 -12.10 15.41
C PRO B 461 -24.63 -10.84 14.54
N GLU B 462 -25.11 -9.76 15.13
CA GLU B 462 -25.29 -8.49 14.42
C GLU B 462 -23.94 -7.97 13.91
N ARG B 463 -22.91 -8.07 14.76
CA ARG B 463 -21.57 -7.62 14.39
C ARG B 463 -20.96 -8.50 13.31
N LEU B 464 -21.22 -9.81 13.38
CA LEU B 464 -20.69 -10.76 12.42
C LEU B 464 -21.17 -10.44 11.01
N ARG B 465 -22.45 -10.11 10.89
CA ARG B 465 -23.02 -9.72 9.61
C ARG B 465 -22.17 -8.64 8.93
N THR B 466 -21.71 -7.66 9.71
CA THR B 466 -20.91 -6.57 9.18
C THR B 466 -19.52 -7.05 8.77
N VAL B 467 -18.88 -7.82 9.65
CA VAL B 467 -17.51 -8.30 9.39
C VAL B 467 -17.48 -9.23 8.18
N LEU B 468 -18.47 -10.11 8.06
CA LEU B 468 -18.55 -11.02 6.93
C LEU B 468 -18.73 -10.29 5.63
N TYR B 469 -19.75 -9.43 5.58
CA TYR B 469 -20.08 -8.71 4.34
C TYR B 469 -18.87 -7.95 3.79
N ILE B 470 -18.20 -7.20 4.66
CA ILE B 470 -17.00 -6.45 4.26
C ILE B 470 -15.93 -7.39 3.73
N THR B 471 -15.67 -8.47 4.45
CA THR B 471 -14.66 -9.45 4.04
C THR B 471 -15.02 -10.03 2.67
N LEU B 472 -16.22 -10.57 2.55
CA LEU B 472 -16.71 -11.18 1.30
C LEU B 472 -16.53 -10.23 0.13
N GLU B 473 -16.97 -8.98 0.32
CA GLU B 473 -16.84 -7.97 -0.72
C GLU B 473 -15.36 -7.67 -1.02
N GLY B 474 -14.52 -7.64 0.00
CA GLY B 474 -13.08 -7.44 -0.21
C GLY B 474 -12.46 -8.56 -1.01
N VAL B 475 -12.85 -9.79 -0.71
CA VAL B 475 -12.38 -10.96 -1.44
C VAL B 475 -12.88 -10.96 -2.88
N ARG B 476 -14.13 -10.53 -3.09
CA ARG B 476 -14.68 -10.42 -4.43
C ARG B 476 -13.90 -9.41 -5.27
N VAL B 477 -13.74 -8.20 -4.74
CA VAL B 477 -13.11 -7.11 -5.49
C VAL B 477 -11.65 -7.41 -5.79
N THR B 478 -10.89 -7.90 -4.80
CA THR B 478 -9.52 -8.31 -5.05
C THR B 478 -9.45 -9.47 -6.04
N THR B 479 -10.32 -10.48 -5.89
CA THR B 479 -10.31 -11.62 -6.80
C THR B 479 -10.56 -11.12 -8.22
N LEU B 480 -11.50 -10.19 -8.36
CA LEU B 480 -11.90 -9.63 -9.66
C LEU B 480 -10.71 -8.97 -10.34
N LEU B 481 -9.89 -8.27 -9.57
CA LEU B 481 -8.71 -7.62 -10.13
C LEU B 481 -7.51 -8.55 -10.30
N LEU B 482 -7.54 -9.71 -9.65
CA LEU B 482 -6.49 -10.72 -9.82
C LEU B 482 -6.82 -11.72 -10.93
N SER B 483 -8.04 -11.64 -11.47
CA SER B 483 -8.53 -12.65 -12.40
C SER B 483 -7.77 -12.72 -13.72
N PRO B 484 -7.16 -11.60 -14.15
CA PRO B 484 -6.26 -11.74 -15.30
C PRO B 484 -4.96 -12.50 -14.97
N ILE B 485 -4.61 -12.58 -13.70
CA ILE B 485 -3.39 -13.29 -13.28
C ILE B 485 -3.70 -14.76 -13.02
N LEU B 486 -4.81 -15.02 -12.33
CA LEU B 486 -5.24 -16.36 -11.97
C LEU B 486 -6.62 -16.61 -12.56
N PRO B 487 -6.71 -16.73 -13.89
CA PRO B 487 -8.02 -16.84 -14.55
C PRO B 487 -8.86 -18.07 -14.13
N ARG B 488 -8.22 -19.21 -13.86
CA ARG B 488 -8.94 -20.42 -13.46
C ARG B 488 -9.32 -20.41 -11.99
N LYS B 489 -8.37 -20.03 -11.15
CA LYS B 489 -8.61 -19.98 -9.71
C LYS B 489 -9.60 -18.88 -9.35
N SER B 490 -9.66 -17.80 -10.14
CA SER B 490 -10.64 -16.74 -9.87
C SER B 490 -12.06 -17.29 -10.01
N VAL B 491 -12.26 -18.16 -11.00
CA VAL B 491 -13.56 -18.76 -11.27
C VAL B 491 -13.96 -19.70 -10.13
N VAL B 492 -12.97 -20.39 -9.55
CA VAL B 492 -13.21 -21.23 -8.39
C VAL B 492 -13.64 -20.32 -7.22
N ILE B 493 -12.90 -19.25 -7.01
CA ILE B 493 -13.20 -18.34 -5.92
C ILE B 493 -14.59 -17.74 -6.09
N PHE B 494 -14.98 -17.38 -7.32
CA PHE B 494 -16.30 -16.78 -7.52
C PHE B 494 -17.44 -17.77 -7.29
N ASP B 495 -17.25 -19.04 -7.68
CA ASP B 495 -18.25 -20.08 -7.42
C ASP B 495 -18.46 -20.27 -5.92
N MET B 496 -17.37 -20.33 -5.17
CA MET B 496 -17.42 -20.49 -3.72
C MET B 496 -18.23 -19.37 -3.13
N LEU B 497 -17.88 -18.14 -3.49
CA LEU B 497 -18.57 -16.95 -2.99
C LEU B 497 -19.99 -16.81 -3.53
N GLY B 498 -20.31 -17.58 -4.56
CA GLY B 498 -21.64 -17.59 -5.15
C GLY B 498 -21.95 -16.33 -5.95
N VAL B 499 -20.92 -15.73 -6.55
CA VAL B 499 -21.09 -14.52 -7.35
C VAL B 499 -21.68 -14.88 -8.70
N PRO B 500 -22.78 -14.22 -9.09
CA PRO B 500 -23.33 -14.47 -10.42
C PRO B 500 -22.37 -14.08 -11.55
N GLU B 501 -22.49 -14.74 -12.70
CA GLU B 501 -21.63 -14.50 -13.86
C GLU B 501 -21.58 -13.04 -14.27
N VAL B 502 -22.75 -12.42 -14.27
CA VAL B 502 -22.90 -11.03 -14.68
C VAL B 502 -22.06 -10.07 -13.83
N HIS B 503 -21.69 -10.46 -12.60
CA HIS B 503 -20.88 -9.62 -11.72
C HIS B 503 -19.40 -10.02 -11.70
N ARG B 504 -18.99 -10.89 -12.61
CA ARG B 504 -17.60 -11.36 -12.65
C ARG B 504 -16.74 -10.54 -13.61
N LYS B 505 -17.38 -9.65 -14.37
CA LYS B 505 -16.66 -8.73 -15.24
C LYS B 505 -17.49 -7.50 -15.57
N GLY B 506 -16.82 -6.40 -15.88
CA GLY B 506 -17.46 -5.13 -16.20
C GLY B 506 -16.96 -4.10 -15.21
N ILE B 507 -16.56 -2.94 -15.73
CA ILE B 507 -16.03 -1.85 -14.90
C ILE B 507 -16.98 -1.49 -13.76
N GLU B 508 -18.27 -1.59 -14.01
CA GLU B 508 -19.29 -1.27 -13.01
C GLU B 508 -19.18 -2.15 -11.77
N ASN B 509 -18.73 -3.39 -11.95
CA ASN B 509 -18.56 -4.34 -10.84
C ASN B 509 -17.25 -4.23 -10.06
N PHE B 510 -16.36 -3.32 -10.47
CA PHE B 510 -15.23 -2.96 -9.63
C PHE B 510 -15.70 -2.22 -8.38
N GLU B 511 -16.88 -1.64 -8.46
CA GLU B 511 -17.46 -0.87 -7.37
C GLU B 511 -17.80 -1.74 -6.16
N PHE B 512 -17.73 -1.14 -4.99
CA PHE B 512 -17.98 -1.77 -3.72
C PHE B 512 -19.47 -2.05 -3.58
N GLY B 513 -19.81 -3.26 -3.13
CA GLY B 513 -21.19 -3.65 -2.87
C GLY B 513 -22.01 -3.96 -4.12
N ALA B 514 -21.38 -4.56 -5.13
CA ALA B 514 -22.07 -4.89 -6.36
C ALA B 514 -22.82 -6.20 -6.27
N VAL B 515 -22.60 -6.95 -5.19
CA VAL B 515 -23.31 -8.19 -4.95
C VAL B 515 -24.26 -7.99 -3.77
N PRO B 516 -25.58 -8.19 -3.99
CA PRO B 516 -26.58 -7.92 -2.96
C PRO B 516 -26.48 -8.85 -1.77
N PRO B 517 -26.79 -8.34 -0.56
CA PRO B 517 -27.01 -9.23 0.56
C PRO B 517 -28.17 -10.16 0.26
N GLY B 518 -28.02 -11.43 0.65
CA GLY B 518 -29.01 -12.45 0.33
C GLY B 518 -28.44 -13.45 -0.66
N THR B 519 -27.37 -13.07 -1.33
CA THR B 519 -26.72 -13.96 -2.30
C THR B 519 -26.23 -15.21 -1.60
N ARG B 520 -26.62 -16.37 -2.11
CA ARG B 520 -26.15 -17.65 -1.58
C ARG B 520 -24.75 -17.97 -2.07
N LEU B 521 -23.91 -18.44 -1.16
CA LEU B 521 -22.63 -19.03 -1.53
C LEU B 521 -22.91 -20.28 -2.37
N GLY B 522 -21.91 -20.68 -3.16
CA GLY B 522 -22.01 -21.95 -3.89
C GLY B 522 -21.68 -23.09 -2.95
N PRO B 523 -21.90 -24.33 -3.42
CA PRO B 523 -21.46 -25.46 -2.60
C PRO B 523 -19.93 -25.53 -2.56
N ALA B 524 -19.41 -26.40 -1.71
CA ALA B 524 -17.97 -26.63 -1.66
C ALA B 524 -17.76 -28.11 -1.33
N VAL B 525 -16.96 -28.80 -2.14
CA VAL B 525 -16.67 -30.23 -1.93
C VAL B 525 -15.96 -30.49 -0.57
N GLU B 526 -16.23 -31.66 0.03
CA GLU B 526 -15.83 -31.94 1.42
C GLU B 526 -14.34 -31.68 1.74
N GLY B 527 -13.44 -32.40 1.09
CA GLY B 527 -12.00 -32.18 1.25
C GLY B 527 -11.47 -31.24 0.17
N GLU B 528 -11.54 -29.93 0.43
CA GLU B 528 -11.22 -28.93 -0.59
C GLU B 528 -10.16 -27.91 -0.13
N VAL B 529 -9.17 -27.70 -1.00
CA VAL B 529 -8.18 -26.64 -0.82
C VAL B 529 -8.09 -25.83 -2.11
N LEU B 530 -8.05 -24.52 -1.99
CA LEU B 530 -7.94 -23.64 -3.15
C LEU B 530 -6.52 -23.68 -3.70
N PHE B 531 -5.54 -23.58 -2.80
CA PHE B 531 -4.13 -23.74 -3.12
C PHE B 531 -3.49 -24.70 -2.12
N SER B 532 -3.00 -25.83 -2.61
CA SER B 532 -2.34 -26.81 -1.75
C SER B 532 -0.91 -26.38 -1.47
N LYS B 533 -0.51 -26.48 -0.20
CA LYS B 533 0.84 -26.11 0.20
C LYS B 533 1.79 -27.27 -0.05
N ARG B 534 3.08 -26.98 -0.20
CA ARG B 534 4.11 -28.01 -0.41
C ARG B 534 5.38 -27.67 0.38
N SER B 535 5.66 -28.42 1.44
CA SER B 535 6.76 -28.10 2.36
C SER B 535 8.13 -28.62 1.90
N THR B 536 9.17 -28.34 2.68
CA THR B 536 10.52 -28.82 2.39
C THR B 536 10.62 -30.34 2.63
#